data_1ZUJ
#
_entry.id   1ZUJ
#
_cell.length_a   131.840
_cell.length_b   131.840
_cell.length_c   325.700
_cell.angle_alpha   90.00
_cell.angle_beta   90.00
_cell.angle_gamma   120.00
#
_symmetry.space_group_name_H-M   'H 3 2'
#
loop_
_entity.id
_entity.type
_entity.pdbx_description
1 polymer 'hypothetical protein Llacc01001955'
2 water water
#
_entity_poly.entity_id   1
_entity_poly.type   'polypeptide(L)'
_entity_poly.pdbx_seq_one_letter_code
;MIELSIDEKYEAEVKKSEIDHHKPTAGAMLSHVLSNIFYEKISLMQAGLYAKSANYRIKFREIALKEDEWFYLISEQLLD
ENELVPTTLDEFVSNHKFIENDPKAKYWTDEALIENFINDFQNQNLFIGRAIKLAQKEEKFSLELAIRKLYGYNLSIIPY
FAGELGKTIGEFIEEEDED
;
_entity_poly.pdbx_strand_id   A,B,C,D
#
# COMPACT_ATOMS: atom_id res chain seq x y z
N SER A 5 -36.65 -29.03 0.60
CA SER A 5 -35.66 -28.04 1.12
C SER A 5 -34.35 -28.11 0.33
N ILE A 6 -33.99 -29.34 -0.04
CA ILE A 6 -32.63 -29.68 -0.48
C ILE A 6 -32.34 -29.12 -1.88
N ASP A 7 -33.04 -29.64 -2.89
CA ASP A 7 -32.85 -29.22 -4.28
C ASP A 7 -33.90 -28.17 -4.72
N GLU A 8 -34.61 -27.59 -3.76
CA GLU A 8 -35.63 -26.59 -4.07
C GLU A 8 -35.09 -25.16 -3.92
N LYS A 9 -34.53 -24.87 -2.74
CA LYS A 9 -33.88 -23.58 -2.49
C LYS A 9 -32.73 -23.33 -3.47
N TYR A 10 -32.10 -24.40 -3.97
CA TYR A 10 -31.02 -24.30 -4.94
C TYR A 10 -31.44 -23.73 -6.32
N GLU A 11 -32.72 -23.83 -6.71
CA GLU A 11 -33.22 -23.14 -7.91
C GLU A 11 -33.90 -21.79 -7.60
N ALA A 12 -34.47 -21.66 -6.41
CA ALA A 12 -34.91 -20.36 -5.88
C ALA A 12 -33.70 -19.43 -5.74
N GLU A 13 -32.52 -19.99 -5.94
CA GLU A 13 -31.25 -19.28 -6.00
C GLU A 13 -30.77 -19.21 -7.44
N VAL A 14 -30.68 -20.36 -8.11
CA VAL A 14 -30.04 -20.47 -9.43
C VAL A 14 -30.84 -19.73 -10.51
N LYS A 15 -32.16 -19.62 -10.32
CA LYS A 15 -33.03 -18.93 -11.27
C LYS A 15 -33.07 -17.44 -10.95
N LYS A 16 -33.27 -17.12 -9.66
CA LYS A 16 -33.09 -15.76 -9.16
C LYS A 16 -31.69 -15.24 -9.51
N SER A 17 -30.73 -16.15 -9.64
CA SER A 17 -29.38 -15.83 -10.10
C SER A 17 -29.45 -15.22 -11.49
N GLU A 18 -29.89 -16.01 -12.48
CA GLU A 18 -29.85 -15.58 -13.90
C GLU A 18 -30.92 -14.55 -14.29
N ILE A 19 -31.87 -14.30 -13.38
CA ILE A 19 -32.88 -13.25 -13.57
C ILE A 19 -32.27 -11.91 -13.11
N ASP A 20 -31.55 -11.95 -11.99
CA ASP A 20 -30.86 -10.79 -11.45
C ASP A 20 -29.55 -10.44 -12.16
N HIS A 21 -28.91 -11.39 -12.84
CA HIS A 21 -27.73 -11.10 -13.66
C HIS A 21 -28.18 -10.43 -14.98
N HIS A 22 -29.27 -9.65 -14.92
CA HIS A 22 -30.00 -9.21 -16.12
C HIS A 22 -30.56 -7.79 -15.94
N LYS A 23 -31.57 -7.66 -15.06
CA LYS A 23 -31.94 -6.36 -14.48
C LYS A 23 -31.13 -6.34 -13.19
N PRO A 24 -29.94 -5.73 -13.21
CA PRO A 24 -28.85 -6.11 -12.29
C PRO A 24 -29.02 -5.71 -10.83
N THR A 25 -28.92 -6.70 -9.95
CA THR A 25 -28.79 -6.50 -8.50
C THR A 25 -27.35 -6.06 -8.21
N ALA A 26 -27.07 -5.70 -6.97
CA ALA A 26 -25.73 -5.30 -6.58
C ALA A 26 -24.88 -6.55 -6.53
N GLY A 27 -25.36 -7.53 -5.76
CA GLY A 27 -24.66 -8.79 -5.53
C GLY A 27 -24.49 -9.72 -6.72
N ALA A 28 -25.01 -9.33 -7.89
CA ALA A 28 -24.82 -10.08 -9.12
C ALA A 28 -23.63 -9.51 -9.86
N MET A 29 -23.62 -8.19 -10.07
CA MET A 29 -22.47 -7.53 -10.68
C MET A 29 -21.23 -7.91 -9.89
N LEU A 30 -21.38 -7.96 -8.57
CA LEU A 30 -20.30 -8.40 -7.67
C LEU A 30 -19.95 -9.86 -7.88
N SER A 31 -20.94 -10.73 -8.01
CA SER A 31 -20.67 -12.15 -8.25
C SER A 31 -19.61 -12.36 -9.37
N HIS A 32 -19.51 -11.38 -10.27
CA HIS A 32 -18.47 -11.36 -11.30
C HIS A 32 -17.13 -10.87 -10.75
N VAL A 33 -17.15 -9.77 -10.00
CA VAL A 33 -15.97 -9.31 -9.26
C VAL A 33 -15.41 -10.42 -8.36
N LEU A 34 -16.17 -10.85 -7.36
CA LEU A 34 -15.76 -11.98 -6.53
C LEU A 34 -15.18 -13.12 -7.38
N SER A 35 -15.78 -13.32 -8.54
CA SER A 35 -15.39 -14.41 -9.44
C SER A 35 -14.11 -14.10 -10.22
N ASN A 36 -13.81 -12.82 -10.40
CA ASN A 36 -12.52 -12.39 -10.97
C ASN A 36 -11.42 -12.61 -9.94
N ILE A 37 -11.58 -11.98 -8.78
CA ILE A 37 -10.67 -12.12 -7.64
C ILE A 37 -10.30 -13.57 -7.36
N PHE A 38 -11.16 -14.51 -7.77
CA PHE A 38 -10.83 -15.92 -7.69
C PHE A 38 -9.91 -16.32 -8.81
N TYR A 39 -10.28 -15.99 -10.02
CA TYR A 39 -9.42 -16.30 -11.15
C TYR A 39 -8.05 -15.65 -10.91
N GLU A 40 -8.06 -14.43 -10.36
CA GLU A 40 -6.89 -13.54 -10.27
C GLU A 40 -5.79 -14.07 -9.38
N LYS A 41 -6.18 -14.46 -8.17
CA LYS A 41 -5.29 -15.17 -7.26
C LYS A 41 -4.44 -16.18 -8.02
N ILE A 42 -5.08 -17.00 -8.86
CA ILE A 42 -4.38 -18.11 -9.51
C ILE A 42 -3.25 -17.62 -10.41
N SER A 43 -3.52 -16.62 -11.24
CA SER A 43 -2.47 -16.02 -12.09
C SER A 43 -1.36 -15.34 -11.28
N LEU A 44 -1.70 -14.87 -10.07
CA LEU A 44 -0.75 -14.25 -9.12
C LEU A 44 0.05 -15.33 -8.42
N MET A 45 -0.61 -16.10 -7.56
CA MET A 45 -0.10 -17.36 -7.00
C MET A 45 0.80 -18.11 -7.98
N GLN A 46 0.46 -18.01 -9.27
CA GLN A 46 1.28 -18.55 -10.35
C GLN A 46 2.57 -17.79 -10.43
N ALA A 47 2.43 -16.48 -10.62
CA ALA A 47 3.56 -15.57 -10.80
C ALA A 47 4.43 -15.53 -9.58
N GLY A 48 3.80 -15.60 -8.42
CA GLY A 48 4.51 -15.69 -7.15
C GLY A 48 5.33 -16.95 -6.98
N LEU A 49 5.10 -17.94 -7.84
CA LEU A 49 5.92 -19.15 -7.85
C LEU A 49 6.93 -19.19 -8.97
N TYR A 50 6.66 -18.48 -10.07
CA TYR A 50 7.44 -18.66 -11.31
C TYR A 50 8.27 -17.47 -11.78
N ALA A 51 7.98 -16.28 -11.24
CA ALA A 51 8.64 -15.04 -11.68
C ALA A 51 10.15 -15.06 -11.51
N LYS A 52 10.85 -14.51 -12.50
CA LYS A 52 12.30 -14.45 -12.50
C LYS A 52 12.90 -13.70 -11.29
N SER A 53 12.25 -12.65 -10.79
CA SER A 53 12.83 -11.82 -9.74
C SER A 53 12.09 -11.92 -8.42
N ALA A 54 12.86 -11.85 -7.33
CA ALA A 54 12.38 -12.20 -6.00
C ALA A 54 11.56 -11.07 -5.37
N ASN A 55 11.75 -9.83 -5.83
CA ASN A 55 10.88 -8.75 -5.40
C ASN A 55 9.45 -9.07 -5.82
N TYR A 56 9.29 -9.33 -7.11
CA TYR A 56 7.99 -9.52 -7.74
C TYR A 56 7.30 -10.75 -7.19
N ARG A 57 8.04 -11.86 -7.18
CA ARG A 57 7.63 -13.08 -6.49
C ARG A 57 6.87 -12.76 -5.18
N ILE A 58 7.42 -11.89 -4.34
CA ILE A 58 6.76 -11.54 -3.06
C ILE A 58 5.64 -10.53 -3.22
N LYS A 59 5.75 -9.58 -4.15
CA LYS A 59 4.64 -8.63 -4.34
C LYS A 59 3.40 -9.41 -4.69
N PHE A 60 3.57 -10.36 -5.62
CA PHE A 60 2.51 -11.27 -6.09
C PHE A 60 1.96 -12.11 -4.96
N ARG A 61 2.81 -12.69 -4.14
CA ARG A 61 2.30 -13.52 -3.04
C ARG A 61 1.55 -12.66 -2.04
N GLU A 62 1.73 -11.35 -2.18
CA GLU A 62 1.19 -10.39 -1.23
C GLU A 62 -0.11 -9.83 -1.78
N ILE A 63 -0.13 -9.44 -3.05
CA ILE A 63 -1.37 -9.03 -3.70
C ILE A 63 -2.33 -10.21 -3.65
N ALA A 64 -1.80 -11.41 -3.92
CA ALA A 64 -2.53 -12.66 -3.74
C ALA A 64 -3.19 -12.74 -2.37
N LEU A 65 -2.42 -12.78 -1.29
CA LEU A 65 -2.99 -12.79 0.09
C LEU A 65 -4.12 -11.75 0.25
N LYS A 66 -3.90 -10.56 -0.29
CA LYS A 66 -4.85 -9.47 -0.14
C LYS A 66 -6.11 -9.76 -0.96
N GLU A 67 -5.94 -10.40 -2.12
CA GLU A 67 -7.09 -10.81 -2.93
C GLU A 67 -7.90 -11.80 -2.14
N ASP A 68 -7.26 -12.87 -1.69
CA ASP A 68 -7.95 -13.91 -0.94
C ASP A 68 -8.52 -13.47 0.41
N GLU A 69 -8.48 -12.16 0.68
CA GLU A 69 -9.13 -11.56 1.85
C GLU A 69 -10.15 -10.49 1.42
N TRP A 70 -9.91 -9.86 0.27
CA TRP A 70 -10.93 -9.08 -0.41
C TRP A 70 -12.12 -9.98 -0.79
N PHE A 71 -11.84 -11.25 -1.03
CA PHE A 71 -12.87 -12.24 -1.31
C PHE A 71 -13.64 -12.42 -0.05
N TYR A 72 -12.93 -12.74 1.03
CA TYR A 72 -13.57 -12.96 2.32
C TYR A 72 -14.45 -11.80 2.76
N LEU A 73 -14.03 -10.55 2.53
CA LEU A 73 -14.70 -9.42 3.16
C LEU A 73 -15.88 -8.88 2.36
N ILE A 74 -15.77 -8.91 1.04
CA ILE A 74 -16.90 -8.54 0.18
C ILE A 74 -18.03 -9.54 0.39
N SER A 75 -17.67 -10.82 0.31
CA SER A 75 -18.54 -11.92 0.71
C SER A 75 -19.25 -11.63 2.03
N GLU A 76 -18.50 -11.40 3.10
CA GLU A 76 -19.12 -11.29 4.44
C GLU A 76 -20.10 -10.13 4.54
N GLN A 77 -20.04 -9.20 3.60
CA GLN A 77 -20.95 -8.05 3.58
C GLN A 77 -22.17 -8.30 2.68
N LEU A 78 -22.09 -9.34 1.85
CA LEU A 78 -23.23 -9.92 1.15
C LEU A 78 -23.97 -10.92 2.06
N LEU A 79 -23.39 -12.08 2.36
CA LEU A 79 -23.97 -12.97 3.38
C LEU A 79 -24.70 -12.14 4.44
N ASP A 80 -24.07 -11.04 4.86
CA ASP A 80 -24.67 -10.17 5.87
C ASP A 80 -25.92 -9.44 5.36
N GLU A 81 -25.84 -8.84 4.17
CA GLU A 81 -27.00 -8.21 3.51
C GLU A 81 -27.89 -9.25 2.75
N ASN A 82 -28.33 -10.29 3.46
CA ASN A 82 -28.85 -11.54 2.84
C ASN A 82 -28.88 -11.59 1.30
N GLU A 83 -27.71 -11.84 0.70
CA GLU A 83 -27.58 -11.97 -0.74
C GLU A 83 -26.80 -13.22 -1.13
N LEU A 84 -26.86 -13.58 -2.40
CA LEU A 84 -26.13 -14.74 -2.89
C LEU A 84 -24.66 -14.37 -3.05
N VAL A 85 -23.79 -15.36 -2.81
CA VAL A 85 -22.36 -15.22 -3.06
C VAL A 85 -21.86 -16.50 -3.72
N PRO A 86 -21.14 -16.38 -4.83
CA PRO A 86 -20.42 -17.52 -5.41
C PRO A 86 -19.61 -18.33 -4.38
N THR A 87 -19.36 -19.61 -4.67
CA THR A 87 -18.65 -20.46 -3.73
C THR A 87 -18.00 -21.70 -4.31
N THR A 88 -18.47 -22.18 -5.46
CA THR A 88 -17.88 -23.38 -6.10
C THR A 88 -17.25 -23.13 -7.45
N LEU A 89 -16.38 -24.05 -7.83
CA LEU A 89 -15.73 -24.00 -9.12
C LEU A 89 -16.69 -23.53 -10.20
N ASP A 90 -17.83 -24.21 -10.33
CA ASP A 90 -18.75 -24.01 -11.46
C ASP A 90 -19.39 -22.61 -11.51
N GLU A 91 -19.70 -22.08 -10.33
CA GLU A 91 -20.16 -20.69 -10.20
C GLU A 91 -19.13 -19.70 -10.75
N PHE A 92 -17.85 -19.99 -10.52
CA PHE A 92 -16.74 -19.10 -10.93
C PHE A 92 -16.44 -19.11 -12.43
N VAL A 93 -16.59 -20.28 -13.07
CA VAL A 93 -16.17 -20.45 -14.46
C VAL A 93 -17.18 -19.81 -15.45
N SER A 94 -18.45 -19.75 -15.03
CA SER A 94 -19.49 -19.08 -15.81
C SER A 94 -19.37 -17.55 -15.72
N ASN A 95 -19.08 -17.03 -14.51
CA ASN A 95 -19.14 -15.58 -14.26
C ASN A 95 -17.79 -14.84 -14.29
N HIS A 96 -16.70 -15.56 -14.45
CA HIS A 96 -15.37 -14.95 -14.66
C HIS A 96 -15.42 -14.23 -16.01
N LYS A 97 -14.89 -13.03 -16.09
CA LYS A 97 -15.03 -12.22 -17.31
C LYS A 97 -13.73 -11.48 -17.63
N PHE A 98 -13.07 -11.88 -18.71
CA PHE A 98 -11.78 -11.32 -19.16
C PHE A 98 -10.57 -11.79 -18.33
N ILE A 99 -10.83 -12.41 -17.18
CA ILE A 99 -9.77 -12.93 -16.33
C ILE A 99 -9.40 -14.31 -16.86
N GLU A 100 -8.21 -14.76 -16.52
CA GLU A 100 -7.59 -15.88 -17.18
C GLU A 100 -6.78 -16.74 -16.23
N ASN A 101 -6.35 -17.89 -16.74
CA ASN A 101 -5.25 -18.61 -16.15
C ASN A 101 -4.40 -18.90 -17.33
N ASP A 102 -3.25 -19.51 -17.11
CA ASP A 102 -2.44 -19.98 -18.23
C ASP A 102 -1.29 -20.84 -17.71
N PRO A 103 -1.22 -22.10 -18.14
CA PRO A 103 -0.01 -22.89 -17.91
C PRO A 103 1.18 -22.39 -18.75
N LYS A 104 0.92 -21.59 -19.78
CA LYS A 104 2.00 -21.13 -20.67
C LYS A 104 2.70 -19.87 -20.14
N ALA A 105 2.11 -19.20 -19.14
CA ALA A 105 2.66 -17.93 -18.62
C ALA A 105 3.92 -18.05 -17.75
N LYS A 106 4.14 -19.23 -17.17
CA LYS A 106 5.41 -19.58 -16.53
C LYS A 106 6.66 -19.11 -17.29
N TYR A 107 6.59 -19.11 -18.61
CA TYR A 107 7.76 -18.88 -19.47
C TYR A 107 7.83 -17.44 -20.01
N TRP A 108 6.82 -16.65 -19.69
CA TRP A 108 6.81 -15.23 -20.01
C TRP A 108 7.98 -14.55 -19.30
N THR A 109 8.40 -13.38 -19.80
CA THR A 109 9.30 -12.49 -19.06
C THR A 109 8.56 -11.86 -17.89
N ASP A 110 9.30 -11.40 -16.88
CA ASP A 110 8.67 -10.71 -15.76
C ASP A 110 7.90 -9.48 -16.28
N GLU A 111 8.52 -8.72 -17.19
CA GLU A 111 7.87 -7.61 -17.91
C GLU A 111 6.43 -7.88 -18.29
N ALA A 112 6.21 -9.04 -18.89
CA ALA A 112 4.91 -9.46 -19.42
C ALA A 112 3.89 -9.64 -18.31
N LEU A 113 4.19 -10.48 -17.34
CA LEU A 113 3.23 -10.70 -16.24
C LEU A 113 2.74 -9.38 -15.60
N ILE A 114 3.59 -8.35 -15.59
CA ILE A 114 3.22 -7.02 -15.10
C ILE A 114 2.16 -6.43 -16.03
N GLU A 115 2.51 -6.33 -17.32
CA GLU A 115 1.61 -5.80 -18.38
C GLU A 115 0.27 -6.54 -18.36
N ASN A 116 0.32 -7.86 -18.55
CA ASN A 116 -0.86 -8.67 -18.42
C ASN A 116 -1.61 -8.26 -17.16
N PHE A 117 -0.93 -8.32 -16.02
CA PHE A 117 -1.55 -7.97 -14.73
C PHE A 117 -2.14 -6.57 -14.72
N ILE A 118 -1.58 -5.65 -15.49
CA ILE A 118 -2.13 -4.30 -15.57
C ILE A 118 -3.55 -4.34 -16.17
N ASN A 119 -3.70 -5.09 -17.27
CA ASN A 119 -5.00 -5.33 -17.90
C ASN A 119 -5.99 -6.01 -16.96
N ASP A 120 -5.60 -7.17 -16.42
CA ASP A 120 -6.49 -7.95 -15.54
C ASP A 120 -7.19 -7.03 -14.55
N PHE A 121 -6.42 -6.09 -13.98
CA PHE A 121 -6.90 -5.20 -12.93
C PHE A 121 -7.68 -3.99 -13.49
N GLN A 122 -7.24 -3.44 -14.62
CA GLN A 122 -8.02 -2.42 -15.32
C GLN A 122 -9.44 -2.97 -15.49
N ASN A 123 -9.52 -4.23 -15.89
CA ASN A 123 -10.79 -4.91 -16.12
C ASN A 123 -11.58 -5.15 -14.84
N GLN A 124 -10.96 -5.62 -13.78
CA GLN A 124 -11.68 -5.74 -12.50
C GLN A 124 -12.58 -4.50 -12.26
N ASN A 125 -12.04 -3.32 -12.58
CA ASN A 125 -12.66 -2.04 -12.23
C ASN A 125 -13.88 -1.60 -13.02
N LEU A 126 -14.02 -2.07 -14.27
CA LEU A 126 -15.25 -1.87 -15.02
C LEU A 126 -16.39 -2.45 -14.20
N PHE A 127 -16.23 -3.71 -13.78
CA PHE A 127 -17.28 -4.36 -13.02
C PHE A 127 -17.45 -3.80 -11.60
N ILE A 128 -16.41 -3.18 -11.04
CA ILE A 128 -16.47 -2.61 -9.68
C ILE A 128 -16.98 -1.19 -9.73
N GLY A 129 -16.61 -0.44 -10.76
CA GLY A 129 -17.11 0.90 -10.99
C GLY A 129 -18.62 0.86 -11.19
N ARG A 130 -19.11 -0.33 -11.50
CA ARG A 130 -20.55 -0.61 -11.49
C ARG A 130 -20.99 -1.20 -10.16
N ALA A 131 -20.19 -2.06 -9.52
CA ALA A 131 -20.56 -2.75 -8.27
C ALA A 131 -21.66 -2.04 -7.45
N ILE A 132 -21.71 -0.71 -7.34
CA ILE A 132 -20.97 0.18 -6.41
C ILE A 132 -21.98 1.35 -6.45
N LYS A 133 -22.30 1.74 -7.69
CA LYS A 133 -23.50 2.51 -8.04
C LYS A 133 -24.75 1.66 -7.85
N LEU A 134 -24.65 0.37 -8.17
CA LEU A 134 -25.72 -0.55 -7.85
C LEU A 134 -25.94 -0.59 -6.33
N ALA A 135 -24.85 -0.68 -5.57
CA ALA A 135 -24.92 -0.58 -4.10
C ALA A 135 -25.34 0.82 -3.61
N GLN A 136 -25.05 1.83 -4.43
CA GLN A 136 -25.44 3.22 -4.16
C GLN A 136 -26.96 3.44 -4.36
N LYS A 137 -27.54 2.67 -5.29
CA LYS A 137 -28.98 2.70 -5.54
C LYS A 137 -29.73 1.88 -4.47
N GLU A 138 -29.38 0.60 -4.30
CA GLU A 138 -30.11 -0.28 -3.39
C GLU A 138 -30.01 0.19 -1.95
N GLU A 139 -29.19 1.22 -1.71
CA GLU A 139 -28.95 1.75 -0.38
C GLU A 139 -28.52 0.60 0.55
N LYS A 140 -27.65 -0.26 0.04
CA LYS A 140 -26.91 -1.22 0.85
C LYS A 140 -25.74 -0.41 1.35
N PHE A 141 -25.79 0.01 2.62
CA PHE A 141 -24.92 1.10 3.08
C PHE A 141 -23.49 0.66 3.40
N SER A 142 -23.35 -0.32 4.29
CA SER A 142 -22.04 -0.83 4.68
C SER A 142 -21.21 -1.24 3.46
N LEU A 143 -21.85 -1.97 2.55
CA LEU A 143 -21.18 -2.54 1.39
C LEU A 143 -20.62 -1.49 0.46
N GLU A 144 -21.20 -0.30 0.42
CA GLU A 144 -20.66 0.73 -0.46
C GLU A 144 -19.21 0.96 -0.10
N LEU A 145 -18.97 1.28 1.17
CA LEU A 145 -17.61 1.52 1.68
C LEU A 145 -16.60 0.46 1.23
N ALA A 146 -16.90 -0.81 1.46
CA ALA A 146 -15.97 -1.90 1.12
C ALA A 146 -15.68 -2.05 -0.40
N ILE A 147 -16.68 -1.78 -1.24
CA ILE A 147 -16.51 -1.85 -2.67
C ILE A 147 -15.64 -0.68 -3.13
N ARG A 148 -15.89 0.51 -2.57
CA ARG A 148 -15.13 1.71 -2.94
C ARG A 148 -13.64 1.49 -2.75
N LYS A 149 -13.30 0.90 -1.61
CA LYS A 149 -11.91 0.69 -1.22
C LYS A 149 -11.25 -0.24 -2.22
N LEU A 150 -11.84 -1.40 -2.43
CA LEU A 150 -11.32 -2.36 -3.39
C LEU A 150 -11.07 -1.79 -4.79
N TYR A 151 -11.82 -0.76 -5.17
CA TYR A 151 -11.64 -0.10 -6.46
C TYR A 151 -10.33 0.69 -6.34
N GLY A 152 -10.22 1.36 -5.19
CA GLY A 152 -8.95 1.91 -4.70
C GLY A 152 -7.80 0.93 -4.72
N TYR A 153 -7.77 -0.04 -3.81
CA TYR A 153 -6.69 -1.01 -3.86
C TYR A 153 -6.29 -1.37 -5.28
N ASN A 154 -7.27 -1.76 -6.09
CA ASN A 154 -7.01 -2.17 -7.47
C ASN A 154 -6.41 -1.03 -8.26
N LEU A 155 -6.91 0.16 -8.02
CA LEU A 155 -6.41 1.35 -8.71
C LEU A 155 -4.91 1.61 -8.50
N SER A 156 -4.40 1.24 -7.33
CA SER A 156 -3.04 1.51 -6.88
C SER A 156 -2.04 0.43 -7.28
N ILE A 157 -2.54 -0.78 -7.39
CA ILE A 157 -1.76 -1.87 -7.94
C ILE A 157 -1.32 -1.56 -9.37
N ILE A 158 -2.20 -0.86 -10.07
CA ILE A 158 -2.00 -0.50 -11.46
C ILE A 158 -0.75 0.34 -11.65
N PRO A 159 -0.62 1.47 -10.93
CA PRO A 159 0.58 2.34 -11.03
C PRO A 159 1.77 1.72 -10.36
N TYR A 160 1.56 0.93 -9.31
CA TYR A 160 2.65 0.13 -8.81
C TYR A 160 3.23 -0.61 -10.00
N PHE A 161 2.38 -1.34 -10.72
CA PHE A 161 2.77 -2.15 -11.89
C PHE A 161 3.28 -1.29 -13.05
N ALA A 162 2.70 -0.10 -13.19
CA ALA A 162 3.04 0.79 -14.29
C ALA A 162 4.48 1.24 -14.16
N GLY A 163 4.83 1.68 -12.95
CA GLY A 163 6.16 2.18 -12.63
C GLY A 163 7.26 1.13 -12.69
N GLU A 164 6.93 -0.13 -12.47
CA GLU A 164 7.90 -1.20 -12.60
C GLU A 164 8.35 -1.33 -14.03
N LEU A 165 7.44 -1.05 -14.96
CA LEU A 165 7.77 -1.06 -16.37
C LEU A 165 8.45 0.23 -16.82
N GLY A 166 8.36 1.29 -16.01
CA GLY A 166 9.07 2.52 -16.29
C GLY A 166 8.23 3.52 -17.04
N LYS A 167 6.91 3.30 -17.05
CA LYS A 167 5.94 4.22 -17.63
C LYS A 167 5.14 4.86 -16.52
N THR A 168 4.23 5.75 -16.89
CA THR A 168 3.28 6.32 -15.94
C THR A 168 2.01 5.46 -15.94
N ILE A 169 1.04 5.82 -15.11
CA ILE A 169 -0.30 5.21 -15.19
C ILE A 169 -1.00 5.67 -16.46
N GLY A 170 -0.58 6.83 -16.97
CA GLY A 170 -1.25 7.55 -18.05
C GLY A 170 -1.56 6.79 -19.30
N GLU A 171 -0.81 5.73 -19.58
CA GLU A 171 -0.98 4.97 -20.82
C GLU A 171 -2.15 3.99 -20.64
N PHE A 172 -1.85 2.78 -20.19
CA PHE A 172 -2.81 1.89 -19.51
C PHE A 172 -3.84 2.68 -18.66
N SER B 5 9.94 -21.89 -29.16
CA SER B 5 10.80 -21.64 -27.97
C SER B 5 9.92 -21.40 -26.75
N ILE B 6 8.91 -20.54 -26.90
CA ILE B 6 7.89 -20.37 -25.86
C ILE B 6 6.97 -21.59 -25.97
N ASP B 7 6.50 -21.83 -27.21
CA ASP B 7 5.62 -22.96 -27.51
C ASP B 7 6.36 -24.29 -27.45
N GLU B 8 7.64 -24.27 -27.85
CA GLU B 8 8.53 -25.43 -27.74
C GLU B 8 8.64 -25.92 -26.29
N LYS B 9 8.80 -24.98 -25.35
CA LYS B 9 8.96 -25.33 -23.94
C LYS B 9 7.69 -25.94 -23.33
N TYR B 10 6.52 -25.58 -23.86
CA TYR B 10 5.24 -26.04 -23.30
C TYR B 10 4.83 -27.45 -23.76
N GLU B 11 5.01 -27.78 -25.05
CA GLU B 11 4.76 -29.16 -25.51
C GLU B 11 5.74 -30.06 -24.78
N ALA B 12 7.02 -29.69 -24.84
CA ALA B 12 8.13 -30.36 -24.14
C ALA B 12 7.85 -30.61 -22.65
N GLU B 13 7.15 -29.65 -22.04
CA GLU B 13 6.72 -29.76 -20.66
C GLU B 13 5.66 -30.85 -20.54
N VAL B 14 4.62 -30.78 -21.37
CA VAL B 14 3.48 -31.69 -21.30
C VAL B 14 3.84 -33.13 -21.72
N LYS B 15 4.82 -33.27 -22.61
CA LYS B 15 5.35 -34.59 -22.99
C LYS B 15 6.06 -35.16 -21.77
N LYS B 16 6.97 -34.36 -21.22
CA LYS B 16 7.65 -34.67 -19.97
C LYS B 16 6.64 -34.93 -18.84
N SER B 17 5.50 -34.24 -18.86
CA SER B 17 4.59 -34.24 -17.73
C SER B 17 3.96 -35.59 -17.43
N GLU B 18 3.41 -36.25 -18.45
CA GLU B 18 2.73 -37.53 -18.21
C GLU B 18 3.61 -38.75 -18.42
N ILE B 19 4.70 -38.63 -19.17
CA ILE B 19 5.75 -39.65 -19.06
C ILE B 19 6.13 -39.76 -17.58
N ASP B 20 6.15 -38.63 -16.89
CA ASP B 20 6.51 -38.57 -15.48
C ASP B 20 5.42 -39.13 -14.55
N HIS B 21 4.14 -38.91 -14.90
CA HIS B 21 3.03 -39.50 -14.13
C HIS B 21 3.12 -41.02 -14.14
N HIS B 22 3.28 -41.57 -15.36
CA HIS B 22 2.88 -42.95 -15.66
C HIS B 22 3.88 -43.99 -15.19
N LYS B 23 5.05 -43.51 -14.77
CA LYS B 23 6.01 -44.33 -14.05
C LYS B 23 6.27 -43.58 -12.75
N PRO B 24 5.41 -43.78 -11.75
CA PRO B 24 5.25 -42.85 -10.62
C PRO B 24 6.51 -42.04 -10.28
N THR B 25 6.46 -40.72 -10.56
CA THR B 25 7.51 -39.77 -10.18
C THR B 25 7.07 -39.03 -8.92
N ALA B 26 7.88 -39.05 -7.85
CA ALA B 26 7.50 -38.46 -6.55
C ALA B 26 6.78 -37.12 -6.68
N GLY B 27 7.29 -36.27 -7.57
CA GLY B 27 6.72 -34.96 -7.81
C GLY B 27 5.37 -34.96 -8.52
N ALA B 28 5.29 -35.69 -9.63
CA ALA B 28 4.04 -35.85 -10.36
C ALA B 28 2.91 -36.45 -9.50
N MET B 29 3.29 -37.26 -8.51
CA MET B 29 2.36 -37.82 -7.56
C MET B 29 1.93 -36.75 -6.54
N LEU B 30 2.80 -35.80 -6.25
CA LEU B 30 2.46 -34.63 -5.43
C LEU B 30 1.68 -33.57 -6.21
N SER B 31 1.74 -33.63 -7.53
CA SER B 31 0.89 -32.79 -8.37
C SER B 31 -0.55 -33.15 -8.08
N HIS B 32 -0.78 -34.42 -7.71
CA HIS B 32 -2.10 -34.82 -7.28
C HIS B 32 -2.33 -34.25 -5.88
N VAL B 33 -1.41 -34.53 -4.96
CA VAL B 33 -1.50 -34.02 -3.58
C VAL B 33 -1.84 -32.52 -3.54
N LEU B 34 -1.25 -31.76 -4.44
CA LEU B 34 -1.37 -30.32 -4.43
C LEU B 34 -2.79 -29.87 -4.80
N SER B 35 -3.28 -30.33 -5.94
CA SER B 35 -4.57 -29.87 -6.50
C SER B 35 -5.75 -30.14 -5.58
N ASN B 36 -5.66 -31.20 -4.76
CA ASN B 36 -6.70 -31.48 -3.78
C ASN B 36 -6.78 -30.31 -2.81
N ILE B 37 -5.64 -30.01 -2.18
CA ILE B 37 -5.52 -28.88 -1.29
C ILE B 37 -6.17 -27.67 -1.93
N PHE B 38 -5.86 -27.43 -3.21
CA PHE B 38 -6.42 -26.30 -3.96
C PHE B 38 -7.93 -26.39 -3.99
N TYR B 39 -8.43 -27.57 -4.26
CA TYR B 39 -9.85 -27.82 -4.27
C TYR B 39 -10.43 -27.58 -2.86
N GLU B 40 -9.73 -28.08 -1.85
CA GLU B 40 -10.23 -28.03 -0.48
C GLU B 40 -10.39 -26.59 0.03
N LYS B 41 -9.56 -25.70 -0.48
CA LYS B 41 -9.65 -24.25 -0.24
C LYS B 41 -11.07 -23.77 -0.57
N ILE B 42 -11.53 -24.18 -1.74
CA ILE B 42 -12.83 -23.82 -2.25
C ILE B 42 -13.91 -24.36 -1.34
N SER B 43 -13.80 -25.63 -0.97
CA SER B 43 -14.81 -26.28 -0.13
C SER B 43 -14.82 -25.70 1.29
N LEU B 44 -13.66 -25.28 1.78
CA LEU B 44 -13.49 -24.81 3.15
C LEU B 44 -13.85 -23.33 3.32
N MET B 45 -13.78 -22.57 2.24
CA MET B 45 -14.12 -21.14 2.29
C MET B 45 -15.63 -21.01 2.26
N GLN B 46 -16.22 -21.83 1.39
CA GLN B 46 -17.64 -22.14 1.41
C GLN B 46 -18.03 -22.39 2.85
N ALA B 47 -17.39 -23.39 3.45
CA ALA B 47 -17.73 -23.83 4.80
C ALA B 47 -17.66 -22.70 5.82
N GLY B 48 -16.71 -21.78 5.67
CA GLY B 48 -16.55 -20.69 6.61
C GLY B 48 -17.64 -19.65 6.43
N LEU B 49 -17.94 -19.36 5.16
CA LEU B 49 -18.97 -18.40 4.81
C LEU B 49 -20.38 -18.88 5.21
N TYR B 50 -20.86 -19.95 4.56
CA TYR B 50 -22.28 -20.34 4.65
C TYR B 50 -22.64 -21.35 5.76
N ALA B 51 -21.66 -21.78 6.55
CA ALA B 51 -21.92 -22.64 7.72
C ALA B 51 -22.39 -21.78 8.88
N LYS B 52 -22.60 -22.42 10.04
CA LYS B 52 -23.57 -21.93 11.02
C LYS B 52 -22.95 -21.59 12.37
N SER B 53 -22.29 -22.57 12.98
CA SER B 53 -21.64 -22.35 14.28
C SER B 53 -20.44 -21.45 14.03
N ALA B 54 -20.21 -20.50 14.95
CA ALA B 54 -19.07 -19.59 14.87
C ALA B 54 -17.76 -20.35 14.97
N ASN B 55 -17.66 -21.24 15.94
CA ASN B 55 -16.44 -22.04 16.17
C ASN B 55 -15.93 -22.81 14.94
N TYR B 56 -16.79 -23.64 14.39
CA TYR B 56 -16.47 -24.43 13.19
C TYR B 56 -16.36 -23.49 12.00
N ARG B 57 -17.06 -22.35 12.05
CA ARG B 57 -17.01 -21.36 10.99
C ARG B 57 -15.59 -20.89 10.74
N ILE B 58 -14.94 -20.46 11.83
CA ILE B 58 -13.58 -19.92 11.80
C ILE B 58 -12.55 -21.01 11.53
N LYS B 59 -12.67 -22.16 12.19
CA LYS B 59 -11.66 -23.21 12.02
C LYS B 59 -11.54 -23.61 10.55
N PHE B 60 -12.60 -23.38 9.78
CA PHE B 60 -12.59 -23.68 8.36
C PHE B 60 -11.65 -22.70 7.67
N ARG B 61 -11.88 -21.41 7.92
CA ARG B 61 -11.01 -20.34 7.40
C ARG B 61 -9.55 -20.54 7.78
N GLU B 62 -9.35 -20.88 9.04
CA GLU B 62 -8.06 -21.21 9.60
C GLU B 62 -7.37 -22.22 8.68
N ILE B 63 -8.06 -23.32 8.40
CA ILE B 63 -7.53 -24.39 7.55
C ILE B 63 -7.37 -23.94 6.08
N ALA B 64 -8.21 -23.01 5.62
CA ALA B 64 -8.10 -22.46 4.25
C ALA B 64 -6.80 -21.65 4.03
N LEU B 65 -6.30 -21.05 5.10
CA LEU B 65 -4.96 -20.44 5.10
C LEU B 65 -3.89 -21.52 5.10
N LYS B 66 -3.90 -22.36 6.14
CA LYS B 66 -2.86 -23.37 6.32
C LYS B 66 -2.75 -24.25 5.10
N GLU B 67 -3.85 -24.46 4.38
CA GLU B 67 -3.80 -25.29 3.19
C GLU B 67 -3.02 -24.48 2.19
N ASP B 68 -3.49 -23.26 1.94
CA ASP B 68 -2.78 -22.30 1.07
C ASP B 68 -1.29 -22.13 1.38
N GLU B 69 -0.90 -22.45 2.61
CA GLU B 69 0.49 -22.42 3.02
C GLU B 69 1.18 -23.72 2.65
N TRP B 70 0.49 -24.83 2.89
CA TRP B 70 0.99 -26.12 2.45
C TRP B 70 1.14 -26.13 0.95
N PHE B 71 0.19 -25.53 0.24
CA PHE B 71 0.35 -25.40 -1.20
C PHE B 71 1.70 -24.78 -1.41
N TYR B 72 1.87 -23.56 -0.85
CA TYR B 72 3.05 -22.73 -1.13
C TYR B 72 4.38 -23.41 -0.88
N LEU B 73 4.52 -23.98 0.31
CA LEU B 73 5.77 -24.59 0.74
C LEU B 73 6.03 -25.80 -0.15
N ILE B 74 5.11 -26.75 -0.14
CA ILE B 74 5.30 -27.99 -0.91
C ILE B 74 5.64 -27.62 -2.37
N SER B 75 4.91 -26.68 -2.94
CA SER B 75 5.18 -26.24 -4.31
C SER B 75 6.65 -25.83 -4.44
N GLU B 76 7.07 -24.91 -3.57
CA GLU B 76 8.42 -24.35 -3.53
C GLU B 76 9.53 -25.39 -3.48
N GLN B 77 9.30 -26.40 -2.64
CA GLN B 77 10.23 -27.50 -2.37
C GLN B 77 10.33 -28.47 -3.56
N LEU B 78 9.19 -28.73 -4.21
CA LEU B 78 9.16 -29.37 -5.54
C LEU B 78 10.02 -28.55 -6.46
N LEU B 79 9.74 -27.26 -6.49
CA LEU B 79 10.32 -26.34 -7.46
C LEU B 79 11.80 -26.00 -7.19
N ASP B 80 12.28 -26.27 -5.97
CA ASP B 80 13.68 -26.09 -5.65
C ASP B 80 14.46 -27.22 -6.27
N GLU B 81 13.90 -28.43 -6.22
CA GLU B 81 14.54 -29.60 -6.84
C GLU B 81 14.24 -29.75 -8.34
N ASN B 82 13.84 -28.66 -8.99
CA ASN B 82 13.69 -28.57 -10.45
C ASN B 82 12.55 -29.40 -11.07
N GLU B 83 11.45 -29.53 -10.34
CA GLU B 83 10.37 -30.38 -10.76
C GLU B 83 9.12 -29.59 -11.11
N LEU B 84 8.31 -30.11 -12.04
CA LEU B 84 7.13 -29.43 -12.55
C LEU B 84 6.09 -29.25 -11.46
N VAL B 85 5.55 -28.03 -11.37
CA VAL B 85 4.48 -27.75 -10.42
C VAL B 85 3.16 -27.33 -11.08
N PRO B 86 2.08 -27.97 -10.65
CA PRO B 86 0.72 -27.64 -11.12
C PRO B 86 0.29 -26.25 -10.67
N THR B 87 -0.14 -25.42 -11.62
CA THR B 87 -0.08 -23.99 -11.43
C THR B 87 -1.13 -23.30 -12.25
N THR B 88 -2.31 -23.93 -12.36
CA THR B 88 -3.40 -23.43 -13.22
C THR B 88 -4.72 -24.21 -13.15
N LEU B 89 -5.82 -23.51 -13.48
CA LEU B 89 -7.18 -24.06 -13.40
C LEU B 89 -7.42 -25.26 -14.32
N ASP B 90 -6.75 -25.33 -15.47
CA ASP B 90 -6.84 -26.52 -16.30
C ASP B 90 -6.16 -27.69 -15.59
N GLU B 91 -4.93 -27.49 -15.14
CA GLU B 91 -4.14 -28.54 -14.49
C GLU B 91 -4.70 -28.99 -13.12
N PHE B 92 -5.55 -28.17 -12.49
CA PHE B 92 -6.03 -28.48 -11.13
C PHE B 92 -7.24 -29.39 -11.14
N VAL B 93 -8.25 -29.06 -11.96
CA VAL B 93 -9.39 -29.95 -12.14
C VAL B 93 -8.95 -31.26 -12.80
N SER B 94 -8.06 -31.13 -13.80
CA SER B 94 -7.57 -32.27 -14.57
C SER B 94 -6.70 -33.19 -13.73
N ASN B 95 -5.97 -32.62 -12.78
CA ASN B 95 -4.99 -33.38 -12.01
C ASN B 95 -5.40 -33.56 -10.56
N HIS B 96 -6.62 -33.15 -10.19
CA HIS B 96 -7.14 -33.43 -8.85
C HIS B 96 -7.57 -34.88 -8.83
N LYS B 97 -8.15 -35.34 -7.72
CA LYS B 97 -8.73 -36.70 -7.65
C LYS B 97 -9.36 -37.04 -6.29
N PHE B 98 -10.69 -37.05 -6.26
CA PHE B 98 -11.49 -37.61 -5.17
C PHE B 98 -11.95 -36.56 -4.14
N ILE B 99 -11.75 -35.28 -4.43
CA ILE B 99 -12.38 -34.19 -3.65
C ILE B 99 -13.25 -33.36 -4.57
N GLU B 100 -14.40 -32.92 -4.06
CA GLU B 100 -15.32 -32.13 -4.85
C GLU B 100 -15.97 -31.02 -4.02
N ASN B 101 -16.18 -29.89 -4.68
CA ASN B 101 -17.06 -28.85 -4.17
C ASN B 101 -18.46 -29.41 -4.32
N ASP B 102 -19.47 -28.55 -4.42
CA ASP B 102 -20.85 -29.01 -4.47
C ASP B 102 -21.76 -27.85 -4.11
N PRO B 103 -22.22 -27.09 -5.10
CA PRO B 103 -23.05 -25.92 -4.83
C PRO B 103 -23.97 -26.14 -3.63
N LYS B 104 -24.72 -27.25 -3.64
CA LYS B 104 -25.74 -27.55 -2.63
C LYS B 104 -25.27 -27.32 -1.17
N ALA B 105 -23.97 -27.50 -0.93
CA ALA B 105 -23.35 -27.45 0.40
C ALA B 105 -23.68 -26.24 1.30
N LYS B 106 -24.27 -25.18 0.74
CA LYS B 106 -24.63 -24.00 1.52
C LYS B 106 -25.77 -24.25 2.53
N TYR B 107 -26.63 -25.24 2.26
CA TYR B 107 -27.78 -25.53 3.12
C TYR B 107 -27.68 -26.88 3.84
N TRP B 108 -26.51 -27.52 3.79
CA TRP B 108 -26.25 -28.71 4.61
C TRP B 108 -26.22 -28.30 6.06
N THR B 109 -26.46 -29.26 6.95
CA THR B 109 -26.21 -29.02 8.38
C THR B 109 -24.70 -29.11 8.59
N ASP B 110 -24.21 -28.54 9.68
CA ASP B 110 -22.77 -28.52 9.94
C ASP B 110 -22.22 -29.94 10.01
N GLU B 111 -22.70 -30.69 10.98
CA GLU B 111 -22.48 -32.13 11.03
C GLU B 111 -22.23 -32.73 9.63
N ALA B 112 -23.07 -32.35 8.66
CA ALA B 112 -22.94 -32.81 7.27
C ALA B 112 -21.76 -32.19 6.51
N LEU B 113 -21.53 -30.89 6.72
CA LEU B 113 -20.32 -30.20 6.23
C LEU B 113 -19.06 -30.91 6.72
N ILE B 114 -19.06 -31.16 8.02
CA ILE B 114 -17.92 -31.68 8.74
C ILE B 114 -17.68 -33.14 8.35
N GLU B 115 -18.77 -33.91 8.24
CA GLU B 115 -18.75 -35.33 7.85
C GLU B 115 -18.02 -35.49 6.53
N ASN B 116 -18.35 -34.59 5.62
CA ASN B 116 -17.66 -34.50 4.36
C ASN B 116 -16.19 -34.43 4.65
N PHE B 117 -15.79 -33.37 5.38
CA PHE B 117 -14.37 -33.06 5.59
C PHE B 117 -13.56 -34.18 6.23
N ILE B 118 -14.14 -34.90 7.19
CA ILE B 118 -13.42 -36.00 7.84
C ILE B 118 -12.97 -37.03 6.81
N ASN B 119 -13.90 -37.39 5.94
CA ASN B 119 -13.64 -38.39 4.90
C ASN B 119 -12.61 -37.88 3.88
N ASP B 120 -12.99 -36.89 3.09
CA ASP B 120 -12.09 -36.34 2.07
C ASP B 120 -10.85 -35.62 2.64
N PHE B 121 -10.57 -35.80 3.94
CA PHE B 121 -9.24 -35.49 4.49
C PHE B 121 -8.40 -36.77 4.56
N GLN B 122 -9.01 -37.90 4.97
CA GLN B 122 -8.38 -39.23 4.78
C GLN B 122 -8.03 -39.40 3.31
N ASN B 123 -8.91 -38.91 2.45
CA ASN B 123 -8.77 -39.09 1.01
C ASN B 123 -7.60 -38.26 0.44
N GLN B 124 -7.18 -37.24 1.18
CA GLN B 124 -5.94 -36.51 0.88
C GLN B 124 -4.68 -37.33 1.23
N ASN B 125 -4.72 -38.02 2.35
CA ASN B 125 -3.57 -38.75 2.88
C ASN B 125 -3.18 -40.07 2.19
N LEU B 126 -3.75 -40.40 1.04
CA LEU B 126 -3.36 -41.64 0.35
C LEU B 126 -2.19 -41.42 -0.61
N PHE B 127 -2.31 -40.42 -1.48
CA PHE B 127 -1.22 -40.03 -2.40
C PHE B 127 -0.05 -39.47 -1.57
N ILE B 128 -0.40 -38.81 -0.46
CA ILE B 128 0.58 -38.37 0.55
C ILE B 128 1.31 -39.60 1.04
N GLY B 129 0.52 -40.60 1.43
CA GLY B 129 1.04 -41.86 1.95
C GLY B 129 2.12 -42.47 1.09
N ARG B 130 2.03 -42.29 -0.23
CA ARG B 130 3.05 -42.80 -1.16
C ARG B 130 3.81 -41.65 -1.81
N ALA B 131 4.21 -40.68 -0.98
CA ALA B 131 4.71 -39.40 -1.50
C ALA B 131 6.20 -39.07 -1.50
N ILE B 132 6.90 -38.84 -0.38
CA ILE B 132 6.98 -39.62 0.87
C ILE B 132 7.72 -40.93 0.60
N LYS B 133 7.11 -41.87 -0.11
CA LYS B 133 7.77 -43.15 -0.37
C LYS B 133 8.68 -42.95 -1.55
N LEU B 134 8.14 -42.30 -2.58
CA LEU B 134 8.86 -41.97 -3.79
C LEU B 134 9.91 -40.92 -3.50
N ALA B 135 9.75 -40.22 -2.37
CA ALA B 135 10.77 -39.30 -1.88
C ALA B 135 12.00 -40.07 -1.40
N GLN B 136 11.84 -40.88 -0.35
CA GLN B 136 12.97 -41.63 0.21
C GLN B 136 13.76 -42.28 -0.91
N LYS B 137 13.05 -42.85 -1.88
CA LYS B 137 13.68 -43.58 -2.99
C LYS B 137 14.48 -42.64 -3.89
N GLU B 138 13.81 -41.64 -4.45
CA GLU B 138 14.44 -40.62 -5.28
C GLU B 138 15.58 -39.85 -4.57
N GLU B 139 15.67 -40.02 -3.25
CA GLU B 139 16.57 -39.25 -2.37
C GLU B 139 16.33 -37.73 -2.50
N LYS B 140 15.15 -37.30 -2.03
CA LYS B 140 14.70 -35.91 -2.16
C LYS B 140 14.70 -35.24 -0.78
N PHE B 141 15.82 -35.42 -0.08
CA PHE B 141 16.00 -35.11 1.35
C PHE B 141 15.10 -34.02 1.96
N SER B 142 15.10 -32.86 1.33
CA SER B 142 14.36 -31.71 1.83
C SER B 142 12.85 -31.94 1.73
N LEU B 143 12.38 -32.20 0.52
CA LEU B 143 10.97 -32.49 0.21
C LEU B 143 10.28 -33.47 1.15
N GLU B 144 10.91 -34.60 1.36
CA GLU B 144 10.36 -35.64 2.21
C GLU B 144 9.90 -35.08 3.55
N LEU B 145 10.84 -34.53 4.31
CA LEU B 145 10.54 -34.15 5.69
C LEU B 145 9.38 -33.14 5.77
N ALA B 146 9.26 -32.30 4.74
CA ALA B 146 8.16 -31.36 4.64
C ALA B 146 6.82 -32.07 4.49
N ILE B 147 6.80 -33.15 3.72
CA ILE B 147 5.58 -33.92 3.45
C ILE B 147 5.07 -34.77 4.62
N ARG B 148 5.99 -35.31 5.41
CA ARG B 148 5.64 -35.93 6.69
C ARG B 148 4.84 -34.97 7.53
N LYS B 149 5.32 -33.75 7.64
CA LYS B 149 4.65 -32.74 8.45
C LYS B 149 3.27 -32.43 7.85
N LEU B 150 3.10 -32.58 6.53
CA LEU B 150 1.77 -32.46 5.89
C LEU B 150 0.80 -33.54 6.41
N TYR B 151 1.27 -34.78 6.44
CA TYR B 151 0.52 -35.88 7.03
C TYR B 151 -0.09 -35.40 8.35
N GLY B 152 0.78 -35.03 9.30
CA GLY B 152 0.34 -34.58 10.61
C GLY B 152 -0.83 -33.63 10.57
N TYR B 153 -0.74 -32.56 9.79
CA TYR B 153 -1.81 -31.55 9.70
C TYR B 153 -3.08 -32.18 9.13
N ASN B 154 -3.01 -32.66 7.88
CA ASN B 154 -4.05 -33.55 7.30
C ASN B 154 -4.64 -34.51 8.36
N LEU B 155 -3.74 -35.14 9.15
CA LEU B 155 -4.08 -36.16 10.13
C LEU B 155 -4.72 -35.59 11.37
N SER B 156 -4.16 -34.54 11.92
CA SER B 156 -4.64 -33.98 13.18
C SER B 156 -5.94 -33.22 12.97
N ILE B 157 -6.19 -32.85 11.71
CA ILE B 157 -7.44 -32.22 11.35
C ILE B 157 -8.56 -33.21 11.64
N ILE B 158 -8.33 -34.47 11.29
CA ILE B 158 -9.35 -35.50 11.49
C ILE B 158 -9.86 -35.55 12.96
N PRO B 159 -9.03 -35.92 13.96
CA PRO B 159 -9.54 -36.06 15.35
C PRO B 159 -10.17 -34.78 15.87
N TYR B 160 -9.72 -33.62 15.39
CA TYR B 160 -10.42 -32.39 15.74
C TYR B 160 -11.86 -32.60 15.27
N PHE B 161 -12.02 -32.72 13.95
CA PHE B 161 -13.30 -32.95 13.27
C PHE B 161 -14.11 -34.14 13.87
N ALA B 162 -13.42 -35.17 14.36
CA ALA B 162 -14.04 -36.38 14.88
C ALA B 162 -14.75 -36.12 16.19
N GLY B 163 -14.02 -35.65 17.19
CA GLY B 163 -14.60 -35.32 18.50
C GLY B 163 -15.61 -34.20 18.43
N GLU B 164 -15.65 -33.49 17.31
CA GLU B 164 -16.70 -32.52 17.03
C GLU B 164 -18.01 -33.23 16.68
N LEU B 165 -17.88 -34.37 16.00
CA LEU B 165 -18.92 -35.41 15.92
C LEU B 165 -18.73 -36.39 17.08
N GLY B 166 -18.73 -35.84 18.31
CA GLY B 166 -18.40 -36.55 19.53
C GLY B 166 -18.12 -38.03 19.42
N LYS B 167 -17.05 -38.40 18.71
CA LYS B 167 -16.62 -39.81 18.61
C LYS B 167 -15.09 -39.95 18.45
N THR B 168 -14.64 -41.13 18.03
CA THR B 168 -13.21 -41.44 17.89
C THR B 168 -12.86 -41.69 16.41
N ILE B 169 -11.56 -41.64 16.13
CA ILE B 169 -11.06 -41.84 14.76
C ILE B 169 -10.94 -43.34 14.47
N GLY B 170 -11.01 -44.15 15.52
CA GLY B 170 -11.05 -45.60 15.43
C GLY B 170 -12.29 -46.10 14.72
N GLU B 171 -13.31 -45.26 14.64
CA GLU B 171 -14.43 -45.48 13.72
C GLU B 171 -13.96 -45.38 12.24
N PHE B 172 -13.61 -44.16 11.80
CA PHE B 172 -13.46 -43.86 10.37
C PHE B 172 -12.18 -44.45 9.77
N SER C 5 9.00 15.77 -26.66
CA SER C 5 8.56 15.01 -25.46
C SER C 5 9.37 15.37 -24.20
N ILE C 6 10.02 16.53 -24.19
CA ILE C 6 11.00 16.87 -23.13
C ILE C 6 10.55 18.02 -22.19
N ASP C 7 10.69 19.25 -22.67
CA ASP C 7 10.21 20.46 -22.01
C ASP C 7 8.73 20.62 -22.40
N GLU C 8 8.35 19.88 -23.45
CA GLU C 8 6.96 19.77 -23.91
C GLU C 8 6.10 19.20 -22.78
N LYS C 9 6.56 18.11 -22.18
CA LYS C 9 5.82 17.50 -21.09
C LYS C 9 5.35 18.59 -20.11
N TYR C 10 6.18 19.61 -19.89
CA TYR C 10 5.86 20.67 -18.93
C TYR C 10 4.82 21.72 -19.37
N GLU C 11 4.96 22.38 -20.53
CA GLU C 11 4.00 23.46 -20.82
C GLU C 11 2.59 22.91 -20.83
N ALA C 12 2.41 21.69 -21.34
CA ALA C 12 1.09 21.07 -21.34
C ALA C 12 0.50 21.03 -19.92
N GLU C 13 1.37 20.78 -18.94
CA GLU C 13 1.00 20.62 -17.55
C GLU C 13 0.58 21.93 -16.95
N VAL C 14 1.36 23.00 -17.09
CA VAL C 14 0.94 24.30 -16.53
C VAL C 14 -0.38 24.80 -17.18
N LYS C 15 -0.58 24.45 -18.46
CA LYS C 15 -1.74 24.87 -19.22
C LYS C 15 -2.98 24.08 -18.79
N LYS C 16 -2.86 22.75 -18.70
CA LYS C 16 -3.96 21.91 -18.23
C LYS C 16 -4.27 22.14 -16.75
N SER C 17 -3.32 22.73 -16.01
CA SER C 17 -3.50 23.01 -14.59
C SER C 17 -4.33 24.26 -14.36
N GLU C 18 -4.00 25.31 -15.13
CA GLU C 18 -4.66 26.61 -15.07
C GLU C 18 -6.09 26.51 -15.58
N ILE C 19 -6.26 25.73 -16.63
CA ILE C 19 -7.53 25.39 -17.26
C ILE C 19 -8.40 24.64 -16.26
N ASP C 20 -7.88 23.51 -15.80
CA ASP C 20 -8.53 22.71 -14.74
C ASP C 20 -8.86 23.53 -13.50
N HIS C 21 -8.17 24.66 -13.27
CA HIS C 21 -8.33 25.43 -12.02
C HIS C 21 -9.57 26.34 -12.00
N HIS C 22 -10.02 26.79 -13.17
CA HIS C 22 -11.13 27.74 -13.24
C HIS C 22 -12.49 27.07 -13.30
N LYS C 23 -12.69 26.14 -14.23
CA LYS C 23 -13.90 25.34 -14.26
C LYS C 23 -13.58 24.12 -13.40
N PRO C 24 -13.65 24.30 -12.07
CA PRO C 24 -12.67 23.70 -11.15
C PRO C 24 -12.90 22.21 -10.91
N THR C 25 -11.84 21.42 -10.93
CA THR C 25 -11.95 19.95 -10.69
C THR C 25 -11.59 19.61 -9.25
N ALA C 26 -11.87 18.36 -8.86
CA ALA C 26 -11.46 17.85 -7.56
C ALA C 26 -9.96 18.06 -7.44
N GLY C 27 -9.21 17.55 -8.40
CA GLY C 27 -7.78 17.76 -8.46
C GLY C 27 -7.37 19.15 -8.05
N ALA C 28 -7.95 20.17 -8.69
CA ALA C 28 -7.45 21.53 -8.59
C ALA C 28 -7.77 22.23 -7.28
N MET C 29 -8.77 21.72 -6.55
CA MET C 29 -9.05 22.24 -5.21
C MET C 29 -8.06 21.59 -4.28
N LEU C 30 -7.90 20.29 -4.42
CA LEU C 30 -6.92 19.56 -3.63
C LEU C 30 -5.55 20.22 -3.78
N SER C 31 -5.18 20.63 -4.97
CA SER C 31 -4.00 21.44 -5.14
C SER C 31 -3.87 22.44 -3.98
N HIS C 32 -4.94 23.21 -3.70
CA HIS C 32 -4.95 24.19 -2.60
C HIS C 32 -4.87 23.52 -1.24
N VAL C 33 -5.56 22.39 -1.11
CA VAL C 33 -5.60 21.60 0.12
C VAL C 33 -4.22 21.12 0.54
N LEU C 34 -3.52 20.53 -0.42
CA LEU C 34 -2.21 20.00 -0.20
C LEU C 34 -1.21 21.13 0.01
N SER C 35 -1.44 22.27 -0.61
CA SER C 35 -0.47 23.36 -0.53
C SER C 35 -0.57 24.00 0.83
N ASN C 36 -1.73 23.86 1.44
CA ASN C 36 -2.00 24.45 2.75
C ASN C 36 -1.60 23.51 3.87
N ILE C 37 -1.76 22.21 3.62
CA ILE C 37 -1.20 21.21 4.49
C ILE C 37 0.31 21.44 4.61
N PHE C 38 0.93 21.81 3.50
CA PHE C 38 2.34 22.08 3.48
C PHE C 38 2.63 23.29 4.37
N TYR C 39 2.00 24.41 4.09
CA TYR C 39 2.22 25.57 4.92
C TYR C 39 1.94 25.25 6.38
N GLU C 40 1.00 24.34 6.64
CA GLU C 40 0.54 24.10 8.01
C GLU C 40 1.67 23.43 8.77
N LYS C 41 2.12 22.29 8.27
CA LYS C 41 3.33 21.62 8.72
C LYS C 41 4.31 22.67 9.19
N ILE C 42 4.57 23.70 8.39
CA ILE C 42 5.62 24.64 8.77
C ILE C 42 5.32 25.36 10.06
N SER C 43 4.10 25.80 10.25
CA SER C 43 3.75 26.59 11.44
C SER C 43 3.70 25.67 12.61
N LEU C 44 3.22 24.47 12.38
CA LEU C 44 3.08 23.50 13.44
C LEU C 44 4.44 23.13 14.00
N MET C 45 5.41 22.96 13.11
CA MET C 45 6.78 22.61 13.48
C MET C 45 7.30 23.73 14.37
N GLN C 46 7.07 24.95 13.91
CA GLN C 46 7.62 26.11 14.54
C GLN C 46 7.07 26.15 15.94
N ALA C 47 5.81 25.75 16.07
CA ALA C 47 5.14 25.75 17.35
C ALA C 47 5.65 24.57 18.15
N GLY C 48 5.91 23.46 17.45
CA GLY C 48 6.50 22.26 18.04
C GLY C 48 7.87 22.48 18.66
N LEU C 49 8.52 23.58 18.31
CA LEU C 49 9.80 23.90 18.91
C LEU C 49 9.72 25.00 19.95
N TYR C 50 8.89 26.01 19.72
CA TYR C 50 8.94 27.25 20.50
C TYR C 50 7.82 27.44 21.51
N ALA C 51 6.68 26.79 21.27
CA ALA C 51 5.58 26.82 22.26
C ALA C 51 6.17 26.61 23.64
N LYS C 52 5.39 26.91 24.67
CA LYS C 52 5.97 27.04 25.99
C LYS C 52 5.64 25.87 26.91
N SER C 53 4.42 25.34 26.83
CA SER C 53 4.08 24.08 27.51
C SER C 53 4.51 22.91 26.65
N ALA C 54 4.99 21.86 27.31
CA ALA C 54 5.53 20.69 26.62
C ALA C 54 4.42 19.83 26.04
N ASN C 55 3.34 19.73 26.81
CA ASN C 55 2.14 19.07 26.35
C ASN C 55 1.71 19.63 24.99
N TYR C 56 1.76 20.96 24.82
CA TYR C 56 1.39 21.55 23.54
C TYR C 56 2.46 21.34 22.47
N ARG C 57 3.75 21.45 22.83
CA ARG C 57 4.85 21.12 21.91
C ARG C 57 4.72 19.73 21.28
N ILE C 58 4.28 18.75 22.06
CA ILE C 58 4.10 17.39 21.58
C ILE C 58 2.94 17.27 20.59
N LYS C 59 1.82 17.90 20.91
CA LYS C 59 0.63 17.83 20.07
C LYS C 59 0.92 18.54 18.75
N PHE C 60 1.61 19.68 18.83
CA PHE C 60 2.00 20.41 17.64
C PHE C 60 2.82 19.52 16.69
N ARG C 61 3.58 18.58 17.26
CA ARG C 61 4.33 17.59 16.49
C ARG C 61 3.52 16.38 16.05
N GLU C 62 2.74 15.80 16.96
CA GLU C 62 1.77 14.77 16.61
C GLU C 62 1.07 15.20 15.30
N ILE C 63 0.58 16.45 15.27
CA ILE C 63 -0.21 16.97 14.17
C ILE C 63 0.62 17.06 12.90
N ALA C 64 1.73 17.77 12.96
CA ALA C 64 2.61 17.97 11.79
C ALA C 64 2.99 16.65 11.14
N LEU C 65 3.11 15.62 11.98
CA LEU C 65 3.32 14.25 11.52
C LEU C 65 2.11 13.79 10.78
N LYS C 66 0.94 13.97 11.39
CA LYS C 66 -0.28 13.53 10.72
C LYS C 66 -0.43 14.28 9.39
N GLU C 67 -0.13 15.58 9.41
CA GLU C 67 -0.20 16.45 8.23
C GLU C 67 0.65 15.94 7.09
N ASP C 68 1.78 15.31 7.40
CA ASP C 68 2.62 14.72 6.38
C ASP C 68 1.90 13.54 5.79
N GLU C 69 1.29 12.75 6.66
CA GLU C 69 0.78 11.47 6.22
C GLU C 69 -0.61 11.57 5.58
N TRP C 70 -1.25 12.74 5.73
CA TRP C 70 -2.44 13.06 4.97
C TRP C 70 -1.95 13.52 3.63
N PHE C 71 -0.97 14.42 3.63
CA PHE C 71 -0.42 14.91 2.39
C PHE C 71 -0.05 13.75 1.47
N TYR C 72 0.50 12.67 2.04
CA TYR C 72 0.91 11.52 1.23
C TYR C 72 -0.31 10.76 0.80
N LEU C 73 -1.27 10.62 1.70
CA LEU C 73 -2.50 9.90 1.39
C LEU C 73 -3.25 10.48 0.18
N ILE C 74 -3.86 11.66 0.36
CA ILE C 74 -4.41 12.47 -0.74
C ILE C 74 -3.62 12.36 -2.06
N SER C 75 -2.32 12.65 -2.01
CA SER C 75 -1.49 12.64 -3.21
C SER C 75 -1.44 11.28 -3.94
N GLU C 76 -1.55 10.18 -3.21
CA GLU C 76 -1.57 8.83 -3.79
C GLU C 76 -2.89 8.66 -4.49
N GLN C 77 -3.94 8.53 -3.67
CA GLN C 77 -5.32 8.65 -4.11
C GLN C 77 -5.46 9.54 -5.37
N LEU C 78 -4.72 10.65 -5.41
CA LEU C 78 -4.78 11.55 -6.55
C LEU C 78 -4.17 10.90 -7.77
N LEU C 79 -2.87 10.64 -7.76
CA LEU C 79 -2.22 10.21 -8.99
C LEU C 79 -2.52 8.74 -9.37
N ASP C 80 -3.09 8.01 -8.42
CA ASP C 80 -3.83 6.78 -8.69
C ASP C 80 -4.91 7.04 -9.73
N GLU C 81 -5.55 8.20 -9.65
CA GLU C 81 -6.53 8.66 -10.60
C GLU C 81 -5.91 9.69 -11.55
N ASN C 82 -4.74 9.38 -12.07
CA ASN C 82 -3.94 10.29 -12.90
C ASN C 82 -4.26 11.77 -12.85
N GLU C 83 -4.09 12.41 -11.70
CA GLU C 83 -4.11 13.88 -11.66
C GLU C 83 -2.76 14.49 -11.20
N LEU C 84 -2.63 15.77 -11.47
CA LEU C 84 -1.42 16.51 -11.17
C LEU C 84 -1.40 16.80 -9.69
N VAL C 85 -0.24 16.60 -9.08
CA VAL C 85 -0.05 16.93 -7.69
C VAL C 85 1.01 18.00 -7.53
N PRO C 86 0.70 19.01 -6.74
CA PRO C 86 1.67 20.05 -6.41
C PRO C 86 2.78 19.38 -5.63
N THR C 87 3.99 19.88 -5.77
CA THR C 87 5.12 19.04 -5.45
C THR C 87 6.38 19.80 -5.10
N THR C 88 6.32 21.13 -5.05
CA THR C 88 7.52 21.93 -5.19
C THR C 88 7.23 23.36 -4.84
N LEU C 89 8.17 24.02 -4.14
CA LEU C 89 7.92 25.33 -3.50
C LEU C 89 7.06 26.32 -4.32
N ASP C 90 7.27 26.35 -5.64
CA ASP C 90 6.57 27.29 -6.51
C ASP C 90 5.08 26.97 -6.58
N GLU C 91 4.78 25.68 -6.70
CA GLU C 91 3.40 25.20 -6.75
C GLU C 91 2.70 25.48 -5.40
N PHE C 92 3.41 25.25 -4.31
CA PHE C 92 2.84 25.44 -2.98
C PHE C 92 2.63 26.93 -2.55
N VAL C 93 3.26 27.90 -3.22
CA VAL C 93 3.07 29.32 -2.84
C VAL C 93 2.01 30.02 -3.69
N SER C 94 1.94 29.66 -4.97
CA SER C 94 0.94 30.22 -5.86
C SER C 94 -0.47 29.63 -5.65
N ASN C 95 -0.55 28.38 -5.14
CA ASN C 95 -1.84 27.72 -4.89
C ASN C 95 -2.34 27.77 -3.44
N HIS C 96 -1.45 28.09 -2.50
CA HIS C 96 -1.83 28.21 -1.07
C HIS C 96 -2.73 29.46 -0.86
N LYS C 97 -3.67 29.33 0.08
CA LYS C 97 -4.68 30.35 0.33
C LYS C 97 -4.97 30.49 1.84
N PHE C 98 -4.69 31.66 2.39
CA PHE C 98 -5.16 32.07 3.72
C PHE C 98 -4.38 31.49 4.89
N ILE C 99 -3.34 30.69 4.62
CA ILE C 99 -2.50 30.16 5.69
C ILE C 99 -1.10 30.76 5.67
N GLU C 100 -0.68 31.16 6.85
CA GLU C 100 0.39 32.12 7.05
C GLU C 100 1.64 31.45 7.61
N ASN C 101 2.80 32.04 7.33
CA ASN C 101 4.02 31.85 8.12
C ASN C 101 4.31 33.20 8.72
N ASP C 102 4.93 33.25 9.89
CA ASP C 102 5.16 34.53 10.55
C ASP C 102 6.22 34.32 11.61
N PRO C 103 7.41 34.91 11.40
CA PRO C 103 8.59 34.48 12.13
C PRO C 103 8.64 34.91 13.59
N LYS C 104 7.60 35.63 14.02
CA LYS C 104 7.54 36.13 15.37
C LYS C 104 6.41 35.46 16.16
N ALA C 105 5.87 34.34 15.66
CA ALA C 105 4.86 33.60 16.40
C ALA C 105 5.53 32.82 17.51
N LYS C 106 6.85 32.67 17.39
CA LYS C 106 7.65 32.15 18.48
C LYS C 106 7.61 33.04 19.71
N TYR C 107 7.22 34.32 19.55
CA TYR C 107 7.03 35.23 20.70
C TYR C 107 5.59 35.33 21.25
N TRP C 108 4.59 34.95 20.45
CA TRP C 108 3.22 34.87 20.98
C TRP C 108 3.13 33.77 22.03
N THR C 109 1.92 33.60 22.56
CA THR C 109 1.66 32.64 23.61
C THR C 109 1.06 31.34 23.06
N ASP C 110 1.03 30.31 23.90
CA ASP C 110 0.42 29.05 23.51
C ASP C 110 -1.01 29.33 23.10
N GLU C 111 -1.64 30.29 23.79
CA GLU C 111 -3.04 30.63 23.55
C GLU C 111 -3.14 31.31 22.20
N ALA C 112 -2.38 32.40 22.05
CA ALA C 112 -2.27 33.12 20.78
C ALA C 112 -1.96 32.22 19.57
N LEU C 113 -1.28 31.10 19.85
CA LEU C 113 -0.87 30.11 18.87
C LEU C 113 -2.06 29.26 18.52
N ILE C 114 -2.62 28.64 19.55
CA ILE C 114 -3.80 27.78 19.44
C ILE C 114 -4.93 28.55 18.81
N GLU C 115 -5.11 29.79 19.25
CA GLU C 115 -6.09 30.68 18.67
C GLU C 115 -5.91 30.64 17.15
N ASN C 116 -4.78 31.11 16.66
CA ASN C 116 -4.58 31.18 15.23
C ASN C 116 -4.73 29.80 14.54
N PHE C 117 -4.35 28.71 15.20
CA PHE C 117 -4.45 27.37 14.59
C PHE C 117 -5.89 26.91 14.33
N ILE C 118 -6.83 27.48 15.06
CA ILE C 118 -8.25 27.25 14.82
C ILE C 118 -8.66 27.99 13.55
N ASN C 119 -8.26 29.26 13.42
CA ASN C 119 -8.47 30.00 12.16
C ASN C 119 -7.93 29.25 10.94
N ASP C 120 -6.63 28.92 11.00
CA ASP C 120 -5.98 28.06 10.03
C ASP C 120 -6.82 26.85 9.66
N PHE C 121 -7.35 26.15 10.64
CA PHE C 121 -7.91 24.84 10.34
C PHE C 121 -9.31 24.99 9.75
N GLN C 122 -10.10 25.92 10.28
CA GLN C 122 -11.37 26.31 9.68
C GLN C 122 -11.15 26.53 8.20
N ASN C 123 -10.16 27.37 7.89
CA ASN C 123 -9.90 27.75 6.51
C ASN C 123 -9.51 26.55 5.69
N GLN C 124 -8.75 25.64 6.29
CA GLN C 124 -8.36 24.43 5.59
C GLN C 124 -9.62 23.71 5.09
N ASN C 125 -10.60 23.50 5.98
CA ASN C 125 -11.82 22.74 5.66
C ASN C 125 -12.66 23.29 4.53
N LEU C 126 -12.58 24.61 4.29
CA LEU C 126 -13.33 25.23 3.20
C LEU C 126 -13.07 24.52 1.87
N PHE C 127 -11.81 24.18 1.62
CA PHE C 127 -11.42 23.59 0.35
C PHE C 127 -11.59 22.06 0.37
N ILE C 128 -11.32 21.42 1.50
CA ILE C 128 -11.68 20.01 1.63
C ILE C 128 -13.16 19.84 1.24
N GLY C 129 -14.02 20.52 1.99
CA GLY C 129 -15.46 20.54 1.77
C GLY C 129 -15.86 20.90 0.36
N ARG C 130 -15.12 21.83 -0.26
CA ARG C 130 -15.39 22.15 -1.65
C ARG C 130 -15.35 20.87 -2.47
N ALA C 131 -14.59 19.87 -2.00
CA ALA C 131 -13.98 18.95 -2.94
C ALA C 131 -13.79 17.48 -2.65
N ILE C 132 -14.21 16.89 -1.53
CA ILE C 132 -15.58 16.54 -1.21
C ILE C 132 -16.57 16.64 -2.36
N LYS C 133 -17.19 17.80 -2.57
CA LYS C 133 -18.29 17.92 -3.55
C LYS C 133 -17.79 17.65 -4.96
N LEU C 134 -16.69 18.29 -5.34
CA LEU C 134 -16.03 18.04 -6.60
C LEU C 134 -15.67 16.56 -6.82
N ALA C 135 -15.51 15.79 -5.74
CA ALA C 135 -15.14 14.37 -5.86
C ALA C 135 -16.33 13.47 -6.11
N GLN C 136 -17.50 13.89 -5.65
CA GLN C 136 -18.71 13.09 -5.81
C GLN C 136 -19.09 13.05 -7.29
N LYS C 137 -19.08 14.22 -7.92
CA LYS C 137 -19.44 14.31 -9.33
C LYS C 137 -18.45 13.51 -10.20
N GLU C 138 -17.15 13.76 -10.01
CA GLU C 138 -16.14 13.15 -10.88
C GLU C 138 -15.99 11.65 -10.64
N GLU C 139 -16.82 11.10 -9.77
CA GLU C 139 -16.87 9.66 -9.56
C GLU C 139 -15.47 9.14 -9.23
N LYS C 140 -14.74 9.95 -8.45
CA LYS C 140 -13.43 9.58 -7.94
C LYS C 140 -13.75 8.84 -6.65
N PHE C 141 -13.95 7.53 -6.79
CA PHE C 141 -14.63 6.75 -5.75
C PHE C 141 -13.79 6.51 -4.51
N SER C 142 -12.50 6.26 -4.71
CA SER C 142 -11.60 5.98 -3.60
C SER C 142 -11.03 7.26 -2.98
N LEU C 143 -11.13 8.36 -3.71
CA LEU C 143 -10.58 9.63 -3.25
C LEU C 143 -11.50 10.39 -2.31
N GLU C 144 -12.82 10.33 -2.53
CA GLU C 144 -13.79 11.11 -1.74
C GLU C 144 -13.86 10.49 -0.37
N LEU C 145 -14.11 9.20 -0.37
CA LEU C 145 -13.94 8.39 0.82
C LEU C 145 -12.84 8.98 1.69
N ALA C 146 -11.66 9.18 1.11
CA ALA C 146 -10.46 9.61 1.84
C ALA C 146 -10.46 11.06 2.26
N ILE C 147 -10.98 11.95 1.43
CA ILE C 147 -11.01 13.40 1.74
C ILE C 147 -11.95 13.68 2.89
N ARG C 148 -12.81 12.73 3.23
CA ARG C 148 -13.73 12.86 4.37
C ARG C 148 -13.07 12.48 5.67
N LYS C 149 -12.07 11.63 5.60
CA LYS C 149 -11.23 11.39 6.77
C LYS C 149 -10.48 12.68 7.11
N LEU C 150 -10.02 13.41 6.09
CA LEU C 150 -9.42 14.73 6.31
C LEU C 150 -10.39 15.71 6.96
N TYR C 151 -11.56 15.93 6.33
CA TYR C 151 -12.55 16.88 6.83
C TYR C 151 -12.66 16.72 8.34
N GLY C 152 -12.76 15.47 8.76
CA GLY C 152 -13.01 15.13 10.13
C GLY C 152 -11.82 15.31 11.04
N TYR C 153 -10.67 14.77 10.66
CA TYR C 153 -9.48 14.96 11.46
C TYR C 153 -9.40 16.43 11.83
N ASN C 154 -9.30 17.27 10.80
CA ASN C 154 -9.34 18.73 10.96
C ASN C 154 -10.37 19.20 11.99
N LEU C 155 -11.60 18.71 11.88
CA LEU C 155 -12.63 19.01 12.86
C LEU C 155 -12.22 18.65 14.29
N SER C 156 -11.61 17.48 14.51
CA SER C 156 -11.16 17.07 15.86
C SER C 156 -10.03 17.93 16.41
N ILE C 157 -9.28 18.54 15.52
CA ILE C 157 -8.18 19.37 15.94
C ILE C 157 -8.77 20.69 16.42
N ILE C 158 -9.81 21.17 15.76
CA ILE C 158 -10.43 22.47 16.10
C ILE C 158 -11.14 22.52 17.48
N PRO C 159 -11.88 21.49 17.88
CA PRO C 159 -12.40 21.41 19.23
C PRO C 159 -11.29 21.07 20.16
N TYR C 160 -10.37 20.20 19.78
CA TYR C 160 -9.23 19.96 20.66
C TYR C 160 -8.67 21.33 21.07
N PHE C 161 -8.55 22.23 20.10
CA PHE C 161 -7.98 23.53 20.36
C PHE C 161 -8.88 24.39 21.21
N ALA C 162 -10.18 24.24 21.02
CA ALA C 162 -11.22 25.08 21.65
C ALA C 162 -11.23 24.93 23.16
N GLY C 163 -11.16 23.68 23.61
CA GLY C 163 -11.13 23.35 25.02
C GLY C 163 -9.82 23.69 25.71
N GLU C 164 -8.74 23.85 24.95
CA GLU C 164 -7.46 24.25 25.54
C GLU C 164 -7.45 25.76 25.70
N LEU C 165 -8.43 26.41 25.10
CA LEU C 165 -8.67 27.83 25.35
C LEU C 165 -9.70 27.97 26.47
N GLY C 166 -10.32 26.86 26.83
CA GLY C 166 -11.43 26.86 27.75
C GLY C 166 -12.56 27.47 26.95
N LYS C 167 -13.21 26.65 26.14
CA LYS C 167 -14.26 27.10 25.24
C LYS C 167 -14.91 25.93 24.55
N THR C 168 -16.05 26.18 23.94
CA THR C 168 -16.71 25.15 23.12
C THR C 168 -16.48 25.61 21.70
N ILE C 169 -16.65 24.69 20.76
CA ILE C 169 -16.55 25.02 19.34
C ILE C 169 -17.28 26.32 19.02
N GLY C 170 -18.49 26.45 19.59
CA GLY C 170 -19.39 27.58 19.42
C GLY C 170 -18.78 28.92 19.06
N GLU C 171 -17.82 29.41 19.83
CA GLU C 171 -17.26 30.75 19.65
C GLU C 171 -16.38 30.94 18.39
N PHE C 172 -16.24 29.91 17.56
CA PHE C 172 -15.33 29.95 16.43
C PHE C 172 -15.99 29.56 15.12
N SER D 5 6.70 45.09 22.50
CA SER D 5 7.79 44.26 23.09
C SER D 5 8.05 43.12 22.12
N ILE D 6 7.01 42.35 21.84
CA ILE D 6 7.05 41.38 20.74
C ILE D 6 7.99 41.83 19.62
N ASP D 7 7.91 43.11 19.24
CA ASP D 7 8.71 43.63 18.15
C ASP D 7 10.09 44.11 18.56
N GLU D 8 10.22 44.56 19.80
CA GLU D 8 11.52 44.69 20.45
C GLU D 8 12.34 43.36 20.21
N LYS D 9 11.75 42.22 20.59
CA LYS D 9 12.38 40.91 20.51
C LYS D 9 12.85 40.57 19.09
N TYR D 10 11.90 40.58 18.15
CA TYR D 10 12.18 40.21 16.75
C TYR D 10 13.32 40.97 16.11
N GLU D 11 13.49 42.27 16.39
CA GLU D 11 14.55 43.06 15.74
C GLU D 11 15.91 42.81 16.40
N ALA D 12 15.92 42.50 17.68
CA ALA D 12 17.15 42.02 18.31
C ALA D 12 17.55 40.74 17.58
N GLU D 13 16.62 39.78 17.56
CA GLU D 13 16.76 38.58 16.75
C GLU D 13 17.49 38.88 15.43
N VAL D 14 16.86 39.65 14.53
CA VAL D 14 17.39 39.77 13.16
C VAL D 14 18.74 40.45 13.13
N LYS D 15 18.93 41.43 14.01
CA LYS D 15 20.22 42.09 14.07
C LYS D 15 21.30 41.04 14.33
N LYS D 16 21.13 40.30 15.43
CA LYS D 16 22.01 39.20 15.81
C LYS D 16 22.27 38.16 14.70
N SER D 17 21.24 37.67 14.02
CA SER D 17 21.50 36.67 12.97
C SER D 17 22.61 37.15 12.06
N GLU D 18 22.53 38.42 11.70
CA GLU D 18 23.46 39.08 10.79
C GLU D 18 24.86 39.26 11.38
N ILE D 19 24.93 39.61 12.66
CA ILE D 19 26.20 39.65 13.38
C ILE D 19 26.82 38.26 13.38
N ASP D 20 26.03 37.25 13.76
CA ASP D 20 26.53 35.90 13.92
C ASP D 20 26.90 35.25 12.59
N HIS D 21 26.21 35.63 11.52
CA HIS D 21 26.42 34.98 10.22
C HIS D 21 27.76 35.35 9.70
N HIS D 22 28.16 36.60 9.90
CA HIS D 22 29.29 37.12 9.16
C HIS D 22 30.62 36.87 9.86
N LYS D 23 30.62 36.78 11.18
CA LYS D 23 31.80 36.30 11.91
C LYS D 23 31.43 34.96 12.51
N PRO D 24 31.56 33.87 11.73
CA PRO D 24 30.51 32.82 11.66
C PRO D 24 30.37 31.97 12.91
N THR D 25 29.17 31.46 13.12
CA THR D 25 28.78 30.85 14.37
C THR D 25 28.27 29.45 14.08
N ALA D 26 28.39 28.56 15.03
CA ALA D 26 27.91 27.21 14.85
C ALA D 26 26.45 27.27 14.48
N GLY D 27 25.68 28.05 15.22
CA GLY D 27 24.28 28.23 14.89
C GLY D 27 24.00 28.79 13.50
N ALA D 28 24.78 29.78 13.13
CA ALA D 28 24.61 30.41 11.83
C ALA D 28 24.77 29.40 10.70
N MET D 29 25.87 28.64 10.74
CA MET D 29 26.15 27.55 9.82
C MET D 29 25.04 26.58 9.78
N LEU D 30 24.57 26.20 10.95
CA LEU D 30 23.52 25.20 11.11
C LEU D 30 22.16 25.71 10.66
N SER D 31 22.09 27.00 10.38
CA SER D 31 20.89 27.58 9.86
C SER D 31 20.82 27.35 8.36
N HIS D 32 21.95 27.33 7.67
CA HIS D 32 21.82 26.82 6.30
C HIS D 32 21.69 25.31 6.31
N VAL D 33 22.26 24.64 7.30
CA VAL D 33 22.18 23.19 7.32
C VAL D 33 20.71 22.83 7.33
N LEU D 34 19.98 23.45 8.24
CA LEU D 34 18.59 23.14 8.49
C LEU D 34 17.68 23.52 7.34
N SER D 35 17.97 24.67 6.74
CA SER D 35 17.30 25.13 5.52
C SER D 35 17.43 24.15 4.39
N ASN D 36 18.63 23.61 4.21
CA ASN D 36 18.82 22.57 3.21
C ASN D 36 18.12 21.28 3.53
N ILE D 37 18.02 20.88 4.80
CA ILE D 37 17.18 19.71 5.12
C ILE D 37 15.74 19.98 4.67
N PHE D 38 15.27 21.20 4.92
CA PHE D 38 13.93 21.59 4.60
C PHE D 38 13.68 21.57 3.08
N TYR D 39 14.70 21.92 2.33
CA TYR D 39 14.57 21.85 0.92
C TYR D 39 14.61 20.36 0.54
N GLU D 40 15.65 19.64 0.95
CA GLU D 40 15.76 18.20 0.69
C GLU D 40 14.45 17.44 0.90
N LYS D 41 13.77 17.71 2.00
CA LYS D 41 12.52 17.05 2.35
C LYS D 41 11.54 17.09 1.16
N ILE D 42 11.51 18.22 0.47
CA ILE D 42 10.62 18.43 -0.66
C ILE D 42 11.03 17.61 -1.87
N SER D 43 12.29 17.73 -2.34
CA SER D 43 12.74 17.00 -3.54
C SER D 43 12.58 15.48 -3.36
N LEU D 44 12.77 15.07 -2.10
CA LEU D 44 12.63 13.69 -1.70
C LEU D 44 11.19 13.26 -1.74
N MET D 45 10.29 14.11 -1.22
CA MET D 45 8.85 13.81 -1.20
C MET D 45 8.30 13.71 -2.61
N GLN D 46 8.80 14.57 -3.49
CA GLN D 46 8.40 14.62 -4.90
C GLN D 46 8.80 13.32 -5.59
N ALA D 47 10.02 12.85 -5.30
CA ALA D 47 10.57 11.68 -5.96
C ALA D 47 9.93 10.43 -5.39
N GLY D 48 9.53 10.48 -4.13
CA GLY D 48 8.84 9.36 -3.50
C GLY D 48 7.38 9.27 -3.87
N LEU D 49 6.87 10.30 -4.55
CA LEU D 49 5.55 10.25 -5.22
C LEU D 49 5.69 9.82 -6.69
N TYR D 50 6.55 10.53 -7.44
CA TYR D 50 6.64 10.40 -8.90
C TYR D 50 7.70 9.44 -9.50
N ALA D 51 8.58 8.88 -8.71
CA ALA D 51 9.59 7.97 -9.25
C ALA D 51 8.96 6.65 -9.70
N LYS D 52 9.65 5.97 -10.61
CA LYS D 52 9.11 4.80 -11.28
C LYS D 52 9.12 3.56 -10.40
N SER D 53 10.32 3.12 -9.99
CA SER D 53 10.49 1.92 -9.15
C SER D 53 9.95 2.07 -7.73
N ALA D 54 9.21 1.07 -7.25
CA ALA D 54 8.70 1.06 -5.88
C ALA D 54 9.81 0.98 -4.84
N ASN D 55 10.88 0.24 -5.14
CA ASN D 55 12.06 0.23 -4.28
C ASN D 55 12.57 1.65 -4.02
N TYR D 56 12.62 2.50 -5.04
CA TYR D 56 13.04 3.89 -4.82
C TYR D 56 11.95 4.79 -4.21
N ARG D 57 10.68 4.51 -4.43
CA ARG D 57 9.67 5.34 -3.84
C ARG D 57 9.80 5.19 -2.34
N ILE D 58 9.72 3.96 -1.83
CA ILE D 58 9.87 3.71 -0.38
C ILE D 58 11.18 4.26 0.21
N LYS D 59 12.30 4.15 -0.49
CA LYS D 59 13.55 4.64 0.07
C LYS D 59 13.49 6.15 0.22
N PHE D 60 13.21 6.83 -0.88
CA PHE D 60 13.04 8.28 -0.89
C PHE D 60 12.12 8.79 0.24
N ARG D 61 11.08 8.04 0.59
CA ARG D 61 10.16 8.46 1.67
C ARG D 61 10.82 8.33 2.99
N GLU D 62 11.55 7.23 3.13
CA GLU D 62 12.38 6.91 4.29
C GLU D 62 13.42 7.99 4.53
N ILE D 63 14.01 8.50 3.48
CA ILE D 63 15.02 9.52 3.63
C ILE D 63 14.37 10.87 4.01
N ALA D 64 13.13 11.13 3.58
CA ALA D 64 12.45 12.38 3.93
C ALA D 64 12.00 12.35 5.39
N LEU D 65 11.38 11.24 5.79
CA LEU D 65 11.05 10.97 7.17
C LEU D 65 12.25 11.30 8.04
N LYS D 66 13.40 10.71 7.71
CA LYS D 66 14.62 10.86 8.50
C LYS D 66 15.14 12.32 8.52
N GLU D 67 14.93 13.07 7.45
CA GLU D 67 15.40 14.46 7.41
C GLU D 67 14.61 15.33 8.37
N ASP D 68 13.32 15.15 8.36
CA ASP D 68 12.47 15.65 9.39
C ASP D 68 12.98 15.29 10.77
N GLU D 69 13.36 14.03 10.99
CA GLU D 69 13.89 13.61 12.29
C GLU D 69 15.13 14.46 12.58
N TRP D 70 16.08 14.49 11.66
CA TRP D 70 17.28 15.30 11.83
C TRP D 70 16.97 16.74 12.01
N PHE D 71 15.84 17.21 11.50
CA PHE D 71 15.51 18.61 11.64
C PHE D 71 15.22 18.87 13.08
N TYR D 72 14.28 18.11 13.63
CA TYR D 72 13.81 18.31 15.01
C TYR D 72 14.99 18.15 15.92
N LEU D 73 15.82 17.17 15.60
CA LEU D 73 16.98 16.85 16.42
C LEU D 73 17.98 18.01 16.55
N ILE D 74 18.53 18.46 15.45
CA ILE D 74 19.50 19.55 15.45
C ILE D 74 18.90 20.82 16.07
N SER D 75 17.61 21.05 15.83
CA SER D 75 16.95 22.28 16.27
C SER D 75 16.83 22.38 17.79
N GLU D 76 16.33 21.33 18.44
CA GLU D 76 16.21 21.29 19.88
C GLU D 76 17.56 21.38 20.51
N GLN D 77 18.54 20.76 19.87
CA GLN D 77 19.91 20.84 20.33
C GLN D 77 20.36 22.30 20.44
N LEU D 78 20.05 23.06 19.39
CA LEU D 78 20.42 24.44 19.26
C LEU D 78 19.58 25.23 20.23
N LEU D 79 18.33 24.85 20.41
CA LEU D 79 17.49 25.60 21.33
C LEU D 79 18.07 25.52 22.75
N ASP D 80 18.56 24.33 23.10
CA ASP D 80 19.06 24.07 24.43
C ASP D 80 20.25 24.99 24.70
N GLU D 81 21.00 25.33 23.66
CA GLU D 81 22.12 26.25 23.80
C GLU D 81 21.70 27.70 23.53
N ASN D 82 20.41 27.98 23.65
CA ASN D 82 19.85 29.32 23.42
C ASN D 82 20.27 29.89 22.07
N GLU D 83 19.95 29.17 21.01
CA GLU D 83 20.31 29.61 19.68
C GLU D 83 19.10 29.70 18.77
N LEU D 84 19.23 30.56 17.77
CA LEU D 84 18.13 30.87 16.86
C LEU D 84 18.05 29.76 15.82
N VAL D 85 16.82 29.36 15.54
CA VAL D 85 16.57 28.27 14.62
C VAL D 85 15.67 28.81 13.51
N PRO D 86 16.01 28.58 12.25
CA PRO D 86 15.13 28.98 11.15
C PRO D 86 13.88 28.15 11.21
N THR D 87 12.74 28.82 11.17
CA THR D 87 11.49 28.22 11.58
C THR D 87 10.35 28.47 10.55
N THR D 88 10.52 29.52 9.74
CA THR D 88 9.59 29.97 8.69
C THR D 88 10.12 29.75 7.29
N LEU D 89 9.23 29.79 6.29
CA LEU D 89 9.59 29.76 4.86
C LEU D 89 10.56 30.85 4.43
N ASP D 90 10.38 32.05 4.95
CA ASP D 90 11.19 33.17 4.49
C ASP D 90 12.64 33.08 5.04
N GLU D 91 12.82 32.37 6.16
CA GLU D 91 14.15 32.07 6.69
C GLU D 91 14.80 30.96 5.90
N PHE D 92 14.01 29.98 5.46
CA PHE D 92 14.48 28.83 4.70
C PHE D 92 14.94 29.21 3.30
N VAL D 93 14.36 30.24 2.73
CA VAL D 93 14.68 30.63 1.38
C VAL D 93 15.96 31.45 1.40
N SER D 94 16.08 32.38 2.34
CA SER D 94 17.29 33.17 2.40
C SER D 94 18.52 32.32 2.68
N ASN D 95 18.40 31.37 3.61
CA ASN D 95 19.54 30.65 4.11
C ASN D 95 19.84 29.36 3.40
N HIS D 96 18.99 28.90 2.49
CA HIS D 96 19.31 27.66 1.74
C HIS D 96 20.43 27.86 0.74
N LYS D 97 20.91 26.78 0.14
CA LYS D 97 22.19 26.84 -0.51
C LYS D 97 22.41 25.60 -1.39
N PHE D 98 22.36 25.80 -2.71
CA PHE D 98 22.60 24.77 -3.73
C PHE D 98 21.56 23.70 -3.81
N ILE D 99 20.54 23.70 -2.96
CA ILE D 99 19.45 22.75 -3.19
C ILE D 99 18.30 23.48 -3.86
N GLU D 100 17.80 22.88 -4.94
CA GLU D 100 16.74 23.44 -5.75
C GLU D 100 15.55 22.54 -5.63
N ASN D 101 14.39 23.04 -6.01
CA ASN D 101 13.27 22.19 -6.41
C ASN D 101 13.09 22.38 -7.89
N ASP D 102 12.62 21.35 -8.56
CA ASP D 102 12.30 21.46 -9.98
C ASP D 102 11.01 20.75 -10.23
N PRO D 103 10.01 21.46 -10.77
CA PRO D 103 8.74 20.81 -11.08
C PRO D 103 8.95 19.87 -12.27
N LYS D 104 9.94 20.19 -13.10
CA LYS D 104 10.28 19.34 -14.24
C LYS D 104 10.69 17.92 -13.83
N ALA D 105 11.37 17.80 -12.69
CA ALA D 105 12.00 16.55 -12.29
C ALA D 105 11.05 15.37 -12.10
N LYS D 106 9.75 15.62 -11.94
CA LYS D 106 8.80 14.50 -12.01
C LYS D 106 8.97 13.76 -13.36
N TYR D 107 9.26 14.51 -14.41
CA TYR D 107 9.50 13.95 -15.75
C TYR D 107 10.92 13.37 -15.98
N TRP D 108 11.75 13.29 -14.93
CA TRP D 108 13.11 12.71 -15.07
C TRP D 108 13.07 11.23 -14.86
N THR D 109 14.14 10.57 -15.25
CA THR D 109 14.26 9.14 -15.01
C THR D 109 14.72 8.94 -13.59
N ASP D 110 14.47 7.76 -13.02
CA ASP D 110 14.97 7.43 -11.68
C ASP D 110 16.47 7.69 -11.57
N GLU D 111 17.22 7.19 -12.56
CA GLU D 111 18.67 7.33 -12.63
C GLU D 111 19.17 8.76 -12.46
N ALA D 112 18.40 9.74 -12.93
CA ALA D 112 18.79 11.15 -12.81
C ALA D 112 18.37 11.81 -11.49
N LEU D 113 17.26 11.36 -10.91
CA LEU D 113 16.92 11.68 -9.54
C LEU D 113 18.00 11.18 -8.60
N ILE D 114 18.32 9.89 -8.65
CA ILE D 114 19.37 9.35 -7.79
C ILE D 114 20.58 10.29 -7.87
N GLU D 115 21.08 10.42 -9.10
CA GLU D 115 22.26 11.23 -9.44
C GLU D 115 22.25 12.66 -8.96
N ASN D 116 21.07 13.24 -8.89
CA ASN D 116 20.88 14.62 -8.50
C ASN D 116 21.11 14.70 -7.01
N PHE D 117 20.46 13.82 -6.25
CA PHE D 117 20.65 13.69 -4.82
C PHE D 117 22.12 13.43 -4.45
N ILE D 118 22.85 12.58 -5.20
CA ILE D 118 24.24 12.33 -4.84
C ILE D 118 24.82 13.71 -4.62
N ASN D 119 24.47 14.60 -5.53
CA ASN D 119 24.94 15.97 -5.49
C ASN D 119 24.48 16.77 -4.28
N ASP D 120 23.18 16.71 -3.99
CA ASP D 120 22.65 17.49 -2.87
C ASP D 120 23.29 17.10 -1.55
N PHE D 121 23.23 15.80 -1.23
CA PHE D 121 23.78 15.29 0.00
C PHE D 121 25.26 15.56 0.11
N GLN D 122 25.99 15.46 -0.99
CA GLN D 122 27.40 15.95 -1.03
C GLN D 122 27.51 17.43 -0.59
N ASN D 123 26.66 18.30 -1.15
CA ASN D 123 26.71 19.75 -0.88
C ASN D 123 26.20 20.08 0.52
N GLN D 124 25.21 19.30 0.95
CA GLN D 124 24.66 19.42 2.29
C GLN D 124 25.89 19.27 3.13
N ASN D 125 26.74 18.32 2.76
CA ASN D 125 27.82 17.96 3.65
C ASN D 125 28.89 19.01 3.87
N LEU D 126 28.97 20.08 3.07
CA LEU D 126 30.08 20.99 3.30
C LEU D 126 29.74 22.07 4.25
N PHE D 127 28.47 22.26 4.50
CA PHE D 127 28.07 23.11 5.60
C PHE D 127 28.18 22.33 6.89
N ILE D 128 27.74 21.07 6.87
CA ILE D 128 27.72 20.18 8.04
C ILE D 128 29.12 20.08 8.59
N GLY D 129 30.07 19.88 7.69
CA GLY D 129 31.43 19.62 8.08
C GLY D 129 32.03 20.85 8.69
N ARG D 130 31.77 21.99 8.07
CA ARG D 130 32.15 23.28 8.66
C ARG D 130 31.57 23.44 10.07
N ALA D 131 30.52 22.68 10.38
CA ALA D 131 29.70 22.99 11.50
C ALA D 131 29.93 22.33 12.83
N ILE D 132 29.95 21.00 12.94
CA ILE D 132 31.14 20.18 13.22
C ILE D 132 32.38 20.89 13.72
N LYS D 133 32.93 21.83 12.98
CA LYS D 133 34.16 22.43 13.46
C LYS D 133 33.85 23.58 14.39
N LEU D 134 32.89 24.43 14.03
CA LEU D 134 32.53 25.54 14.91
C LEU D 134 32.01 24.99 16.24
N ALA D 135 31.28 23.88 16.22
CA ALA D 135 30.64 23.39 17.43
C ALA D 135 31.73 23.09 18.42
N GLN D 136 32.80 22.46 17.93
CA GLN D 136 33.98 22.22 18.74
C GLN D 136 34.47 23.49 19.35
N LYS D 137 34.87 24.42 18.49
CA LYS D 137 35.36 25.73 18.91
C LYS D 137 34.49 26.25 20.02
N GLU D 138 33.19 26.34 19.77
CA GLU D 138 32.26 26.96 20.70
C GLU D 138 31.90 26.06 21.88
N GLU D 139 32.53 24.89 21.98
CA GLU D 139 32.37 23.98 23.11
C GLU D 139 30.91 23.67 23.35
N LYS D 140 30.19 23.39 22.29
CA LYS D 140 28.81 22.99 22.38
C LYS D 140 28.79 21.45 22.40
N PHE D 141 28.84 20.92 23.61
CA PHE D 141 29.27 19.55 23.82
C PHE D 141 28.38 18.40 23.30
N SER D 142 27.09 18.62 23.28
CA SER D 142 26.16 17.59 22.84
C SER D 142 25.66 17.90 21.42
N LEU D 143 25.97 19.11 20.95
CA LEU D 143 25.62 19.51 19.60
C LEU D 143 26.54 18.79 18.65
N GLU D 144 27.82 18.89 18.95
CA GLU D 144 28.86 18.26 18.14
C GLU D 144 28.60 16.79 17.95
N LEU D 145 28.46 16.06 19.05
CA LEU D 145 28.06 14.66 19.00
C LEU D 145 27.01 14.47 17.84
N ALA D 146 25.99 15.32 17.79
CA ALA D 146 24.83 15.17 16.88
C ALA D 146 25.07 15.39 15.42
N ILE D 147 25.84 16.45 15.12
CA ILE D 147 26.13 16.82 13.75
C ILE D 147 26.99 15.77 13.12
N ARG D 148 27.94 15.23 13.87
CA ARG D 148 28.72 14.12 13.37
C ARG D 148 27.86 12.94 12.89
N LYS D 149 26.71 12.66 13.51
CA LYS D 149 25.83 11.59 13.05
C LYS D 149 25.13 11.97 11.75
N LEU D 150 24.91 13.26 11.56
CA LEU D 150 24.21 13.78 10.39
C LEU D 150 25.14 13.66 9.24
N TYR D 151 26.35 14.12 9.47
CA TYR D 151 27.42 13.92 8.53
C TYR D 151 27.51 12.45 8.11
N GLY D 152 27.60 11.53 9.06
CA GLY D 152 27.74 10.15 8.70
C GLY D 152 26.57 9.61 7.90
N TYR D 153 25.37 10.11 8.20
CA TYR D 153 24.16 9.57 7.62
C TYR D 153 24.17 9.93 6.15
N ASN D 154 24.65 11.13 5.84
CA ASN D 154 24.71 11.59 4.47
C ASN D 154 25.73 10.79 3.71
N LEU D 155 26.84 10.48 4.35
CA LEU D 155 27.80 9.62 3.69
C LEU D 155 27.22 8.22 3.44
N SER D 156 26.35 7.69 4.26
CA SER D 156 25.86 6.33 4.00
C SER D 156 24.87 6.35 2.86
N ILE D 157 24.24 7.50 2.68
CA ILE D 157 23.20 7.68 1.68
C ILE D 157 23.82 8.01 0.33
N ILE D 158 25.03 8.52 0.35
CA ILE D 158 25.71 8.79 -0.89
C ILE D 158 26.11 7.50 -1.64
N PRO D 159 26.78 6.52 -1.01
CA PRO D 159 27.06 5.27 -1.67
C PRO D 159 25.87 4.39 -1.64
N TYR D 160 24.81 4.69 -0.91
CA TYR D 160 23.62 3.93 -1.20
C TYR D 160 23.37 4.20 -2.68
N PHE D 161 23.18 5.48 -2.98
CA PHE D 161 22.85 5.98 -4.30
C PHE D 161 23.91 5.60 -5.35
N ALA D 162 25.18 5.61 -4.96
CA ALA D 162 26.25 5.35 -5.92
C ALA D 162 26.15 3.92 -6.40
N GLY D 163 25.90 3.00 -5.50
CA GLY D 163 25.70 1.62 -5.86
C GLY D 163 24.45 1.35 -6.67
N GLU D 164 23.45 2.25 -6.58
CA GLU D 164 22.20 2.08 -7.33
C GLU D 164 22.37 2.48 -8.80
N LEU D 165 23.38 3.31 -9.09
CA LEU D 165 23.82 3.61 -10.45
C LEU D 165 24.94 2.66 -10.83
N GLY D 166 24.97 1.49 -10.21
CA GLY D 166 26.06 0.54 -10.41
C GLY D 166 27.49 1.07 -10.40
N LYS D 167 27.72 2.23 -9.77
CA LYS D 167 29.07 2.78 -9.62
C LYS D 167 29.59 2.69 -8.17
N THR D 168 30.72 3.34 -7.90
CA THR D 168 31.30 3.38 -6.55
C THR D 168 31.56 4.82 -6.15
N ILE D 169 31.46 5.12 -4.85
CA ILE D 169 31.61 6.49 -4.35
C ILE D 169 32.73 7.24 -5.06
N GLY D 170 33.87 6.57 -5.20
CA GLY D 170 35.06 7.19 -5.74
C GLY D 170 34.85 8.15 -6.89
N GLU D 171 34.02 7.76 -7.86
CA GLU D 171 33.63 8.59 -9.01
C GLU D 171 33.23 10.03 -8.62
N PHE D 172 32.18 10.16 -7.83
CA PHE D 172 31.65 11.48 -7.43
C PHE D 172 32.41 12.11 -6.25
#